data_7ELF
#
_entry.id   7ELF
#
_cell.length_a   78.997
_cell.length_b   211.065
_cell.length_c   89.372
_cell.angle_alpha   90.00
_cell.angle_beta   112.11
_cell.angle_gamma   90.00
#
_symmetry.space_group_name_H-M   'C 1 2 1'
#
loop_
_entity.id
_entity.type
_entity.pdbx_description
1 polymer KLLA0E15247p
2 water water
#
_entity_poly.entity_id   1
_entity_poly.type   'polypeptide(L)'
_entity_poly.pdbx_seq_one_letter_code
;MNVARIGIGQLCSSSNLKQNLEVVKSLIKKALDQDVKVLFFPEATDYLSRNAEHSKKLASQTPEFISELQSAICQLTKAA
GKPIDISIGIHMPPSEVNTKNGDSRVKNVLLYINSNGEILQKYQKLHLFDVDVPNGPILKESNSVQPGSEIPSIINTPVG
KLGSCICYDIRFPELSLKLRSKGAQILCFPSAFTMKTGEAHWELLGRARAIDTQSFVVMPAQQGEHDVYADEKPSDESAV
KRISWGHSMIIDPWGRILSAADLTTHDPQLIIADLDIEAQDKIRRDMPLWAQRRRDIFGDFV
;
_entity_poly.pdbx_strand_id   A,B,C,D
#
# COMPACT_ATOMS: atom_id res chain seq x y z
N ASN A 2 28.23 -24.93 27.23
CA ASN A 2 29.11 -23.79 26.98
C ASN A 2 30.13 -24.11 25.87
N VAL A 3 30.10 -25.35 25.41
CA VAL A 3 30.93 -25.83 24.31
C VAL A 3 30.08 -25.84 23.04
N ALA A 4 30.69 -25.44 21.92
CA ALA A 4 29.99 -25.29 20.64
C ALA A 4 29.89 -26.64 19.93
N ARG A 5 29.03 -27.50 20.46
CA ARG A 5 28.86 -28.87 19.97
C ARG A 5 27.75 -28.94 18.93
N ILE A 6 28.08 -29.45 17.74
CA ILE A 6 27.10 -29.66 16.70
C ILE A 6 27.09 -31.13 16.33
N GLY A 7 26.00 -31.53 15.67
CA GLY A 7 25.85 -32.90 15.25
C GLY A 7 25.21 -32.98 13.88
N ILE A 8 25.44 -34.12 13.23
CA ILE A 8 24.80 -34.47 11.98
C ILE A 8 23.97 -35.72 12.22
N GLY A 9 22.73 -35.70 11.74
CA GLY A 9 21.91 -36.89 11.72
C GLY A 9 21.97 -37.53 10.35
N GLN A 10 22.86 -38.51 10.15
CA GLN A 10 22.95 -39.21 8.88
C GLN A 10 21.89 -40.31 8.81
N LEU A 11 21.19 -40.38 7.68
CA LEU A 11 20.17 -41.43 7.55
C LEU A 11 20.03 -41.79 6.08
N CYS A 12 19.02 -42.60 5.77
CA CYS A 12 18.76 -43.06 4.42
C CYS A 12 17.25 -43.00 4.22
N SER A 13 16.75 -41.81 3.89
CA SER A 13 15.31 -41.58 3.82
C SER A 13 14.65 -42.47 2.78
N SER A 14 13.47 -42.99 3.13
CA SER A 14 12.64 -43.77 2.22
C SER A 14 11.56 -42.87 1.63
N SER A 15 10.68 -43.45 0.83
CA SER A 15 9.53 -42.70 0.33
C SER A 15 8.36 -42.71 1.31
N ASN A 16 8.56 -43.15 2.56
CA ASN A 16 7.54 -43.19 3.60
C ASN A 16 7.86 -42.09 4.61
N LEU A 17 7.16 -40.95 4.49
CA LEU A 17 7.46 -39.78 5.33
C LEU A 17 7.31 -40.12 6.82
N LYS A 18 6.32 -40.94 7.19
CA LYS A 18 6.11 -41.22 8.61
C LYS A 18 7.25 -42.06 9.19
N GLN A 19 7.73 -43.06 8.45
CA GLN A 19 8.93 -43.80 8.86
C GLN A 19 10.12 -42.87 9.06
N ASN A 20 10.37 -42.00 8.07
CA ASN A 20 11.51 -41.07 8.15
C ASN A 20 11.43 -40.17 9.37
N LEU A 21 10.21 -39.72 9.72
CA LEU A 21 10.03 -38.86 10.89
C LEU A 21 10.44 -39.58 12.18
N GLU A 22 10.09 -40.86 12.30
CA GLU A 22 10.49 -41.62 13.48
C GLU A 22 12.01 -41.67 13.63
N VAL A 23 12.72 -41.80 12.51
CA VAL A 23 14.18 -41.81 12.58
C VAL A 23 14.69 -40.44 13.02
N VAL A 24 14.14 -39.36 12.45
CA VAL A 24 14.57 -38.03 12.83
C VAL A 24 14.37 -37.77 14.32
N LYS A 25 13.17 -38.11 14.84
CA LYS A 25 12.91 -37.90 16.27
C LYS A 25 13.87 -38.72 17.13
N SER A 26 14.14 -39.97 16.73
CA SER A 26 15.09 -40.77 17.48
C SER A 26 16.48 -40.14 17.48
N LEU A 27 16.89 -39.56 16.34
CA LEU A 27 18.22 -38.97 16.27
C LEU A 27 18.30 -37.69 17.10
N ILE A 28 17.21 -36.93 17.13
CA ILE A 28 17.14 -35.72 17.94
C ILE A 28 17.23 -36.06 19.42
N LYS A 29 16.49 -37.10 19.82
CA LYS A 29 16.56 -37.56 21.21
C LYS A 29 17.98 -37.94 21.56
N LYS A 30 18.64 -38.72 20.69
CA LYS A 30 20.03 -39.10 20.92
C LYS A 30 20.93 -37.87 20.98
N ALA A 31 20.68 -36.88 20.12
CA ALA A 31 21.51 -35.69 20.11
C ALA A 31 21.36 -34.90 21.42
N LEU A 32 20.12 -34.76 21.92
CA LEU A 32 19.91 -34.10 23.21
C LEU A 32 20.70 -34.78 24.33
N ASP A 33 20.68 -36.11 24.38
CA ASP A 33 21.50 -36.84 25.35
C ASP A 33 22.99 -36.50 25.23
N GLN A 34 23.49 -36.22 24.02
CA GLN A 34 24.91 -35.89 23.86
C GLN A 34 25.20 -34.41 24.00
N ASP A 35 24.21 -33.62 24.42
CA ASP A 35 24.33 -32.17 24.58
C ASP A 35 24.69 -31.46 23.27
N VAL A 36 24.19 -31.97 22.14
CA VAL A 36 24.31 -31.27 20.87
C VAL A 36 23.45 -30.00 20.91
N LYS A 37 24.04 -28.88 20.51
CA LYS A 37 23.33 -27.61 20.46
C LYS A 37 22.58 -27.37 19.15
N VAL A 38 23.10 -27.86 18.03
CA VAL A 38 22.47 -27.71 16.72
C VAL A 38 22.68 -29.00 15.94
N LEU A 39 21.59 -29.59 15.45
CA LEU A 39 21.63 -30.87 14.75
C LEU A 39 21.25 -30.68 13.31
N PHE A 40 22.11 -31.16 12.40
CA PHE A 40 21.97 -30.97 10.96
C PHE A 40 21.57 -32.28 10.30
N PHE A 41 20.48 -32.23 9.54
CA PHE A 41 19.98 -33.35 8.75
C PHE A 41 20.19 -33.10 7.25
N PRO A 42 20.13 -34.15 6.41
CA PRO A 42 20.50 -34.02 4.99
C PRO A 42 19.40 -33.37 4.14
N GLU A 43 19.72 -33.21 2.86
CA GLU A 43 18.73 -32.88 1.85
C GLU A 43 17.67 -33.98 1.79
N ALA A 44 16.41 -33.61 1.55
CA ALA A 44 15.35 -34.60 1.28
C ALA A 44 15.22 -35.60 2.42
N THR A 45 15.38 -35.12 3.66
CA THR A 45 15.17 -35.98 4.81
C THR A 45 13.72 -36.46 4.87
N ASP A 46 12.76 -35.62 4.45
CA ASP A 46 11.35 -36.02 4.50
C ASP A 46 11.08 -37.23 3.60
N TYR A 47 11.67 -37.28 2.40
CA TYR A 47 11.51 -38.42 1.50
C TYR A 47 12.46 -38.31 0.32
N LEU A 48 12.80 -39.47 -0.23
CA LEU A 48 13.30 -39.60 -1.59
C LEU A 48 12.21 -40.26 -2.44
N SER A 49 12.15 -39.89 -3.73
CA SER A 49 11.06 -40.35 -4.60
C SER A 49 11.59 -41.15 -5.78
N ARG A 50 10.65 -41.76 -6.51
CA ARG A 50 11.00 -42.53 -7.70
C ARG A 50 11.15 -41.66 -8.93
N ASN A 51 10.42 -40.55 -8.99
CA ASN A 51 10.46 -39.65 -10.14
C ASN A 51 9.72 -38.38 -9.73
N ALA A 52 9.73 -37.39 -10.64
CA ALA A 52 9.15 -36.08 -10.32
C ALA A 52 7.65 -36.19 -10.05
N GLU A 53 6.94 -37.03 -10.80
CA GLU A 53 5.52 -37.21 -10.53
C GLU A 53 5.31 -37.81 -9.14
N HIS A 54 6.09 -38.85 -8.80
CA HIS A 54 6.05 -39.37 -7.44
C HIS A 54 6.41 -38.27 -6.43
N SER A 55 7.41 -37.45 -6.73
CA SER A 55 7.80 -36.40 -5.79
C SER A 55 6.66 -35.44 -5.51
N LYS A 56 5.91 -35.08 -6.57
CA LYS A 56 4.81 -34.13 -6.39
C LYS A 56 3.78 -34.65 -5.41
N LYS A 57 3.43 -35.94 -5.50
CA LYS A 57 2.41 -36.48 -4.62
C LYS A 57 2.89 -36.51 -3.17
N LEU A 58 4.15 -36.91 -2.94
CA LEU A 58 4.68 -36.98 -1.58
C LEU A 58 4.84 -35.59 -0.96
N ALA A 59 5.19 -34.58 -1.77
CA ALA A 59 5.34 -33.21 -1.26
C ALA A 59 4.08 -32.72 -0.57
N SER A 60 2.91 -33.22 -0.97
CA SER A 60 1.67 -32.79 -0.33
C SER A 60 1.55 -33.31 1.10
N GLN A 61 2.33 -34.34 1.46
CA GLN A 61 2.37 -34.85 2.82
C GLN A 61 3.38 -34.13 3.71
N THR A 62 4.26 -33.32 3.15
CA THR A 62 5.34 -32.70 3.92
C THR A 62 4.86 -31.67 4.95
N PRO A 63 3.86 -30.81 4.63
CA PRO A 63 3.40 -29.86 5.66
C PRO A 63 3.03 -30.54 6.97
N GLU A 64 2.40 -31.71 6.90
CA GLU A 64 2.08 -32.45 8.12
C GLU A 64 3.34 -33.05 8.74
N PHE A 65 4.31 -33.44 7.91
CA PHE A 65 5.60 -33.87 8.42
C PHE A 65 6.23 -32.77 9.25
N ILE A 66 6.23 -31.53 8.73
CA ILE A 66 6.91 -30.42 9.40
C ILE A 66 6.22 -30.07 10.72
N SER A 67 4.90 -29.95 10.68
CA SER A 67 4.13 -29.61 11.88
C SER A 67 4.31 -30.66 12.98
N GLU A 68 4.26 -31.94 12.61
CA GLU A 68 4.55 -32.96 13.61
C GLU A 68 6.00 -32.89 14.08
N LEU A 69 6.92 -32.50 13.20
CA LEU A 69 8.31 -32.34 13.60
C LEU A 69 8.48 -31.17 14.57
N GLN A 70 7.81 -30.03 14.29
CA GLN A 70 7.87 -28.90 15.21
C GLN A 70 7.36 -29.27 16.61
N SER A 71 6.29 -30.06 16.68
CA SER A 71 5.76 -30.42 18.00
C SER A 71 6.65 -31.45 18.69
N ALA A 72 7.18 -32.42 17.94
CA ALA A 72 8.16 -33.35 18.50
C ALA A 72 9.34 -32.62 19.11
N ILE A 73 9.86 -31.59 18.42
CA ILE A 73 10.98 -30.81 18.94
C ILE A 73 10.60 -30.17 20.28
N CYS A 74 9.44 -29.50 20.33
CA CYS A 74 9.00 -28.86 21.58
C CYS A 74 8.86 -29.88 22.70
N GLN A 75 8.20 -31.00 22.42
CA GLN A 75 8.02 -32.03 23.43
C GLN A 75 9.37 -32.54 23.93
N LEU A 76 10.30 -32.81 23.01
CA LEU A 76 11.56 -33.45 23.41
C LEU A 76 12.45 -32.52 24.23
N THR A 77 12.49 -31.23 23.86
CA THR A 77 13.30 -30.29 24.64
C THR A 77 12.68 -30.02 26.00
N LYS A 78 11.34 -29.97 26.06
CA LYS A 78 10.68 -29.80 27.36
C LYS A 78 10.93 -31.00 28.27
N ALA A 79 10.85 -32.21 27.70
CA ALA A 79 11.16 -33.42 28.47
C ALA A 79 12.63 -33.47 28.88
N ALA A 80 13.53 -33.04 27.99
CA ALA A 80 14.95 -33.05 28.31
C ALA A 80 15.36 -31.86 29.15
N GLY A 81 14.53 -30.81 29.20
CA GLY A 81 14.87 -29.64 29.96
C GLY A 81 16.01 -28.82 29.41
N LYS A 82 16.35 -28.98 28.13
CA LYS A 82 17.41 -28.20 27.50
C LYS A 82 17.09 -28.02 26.02
N PRO A 83 17.64 -26.98 25.38
CA PRO A 83 17.27 -26.69 24.00
C PRO A 83 18.18 -27.39 23.00
N ILE A 84 17.63 -27.59 21.79
CA ILE A 84 18.40 -27.99 20.62
C ILE A 84 17.72 -27.38 19.40
N ASP A 85 18.53 -26.92 18.45
CA ASP A 85 18.05 -26.41 17.17
C ASP A 85 18.26 -27.45 16.06
N ILE A 86 17.36 -27.43 15.08
CA ILE A 86 17.34 -28.40 13.99
C ILE A 86 17.49 -27.68 12.66
N SER A 87 18.39 -28.17 11.80
CA SER A 87 18.48 -27.83 10.38
C SER A 87 18.16 -29.07 9.55
N ILE A 88 17.16 -28.98 8.67
CA ILE A 88 16.64 -30.17 7.98
C ILE A 88 16.13 -29.81 6.59
N GLY A 89 16.50 -30.61 5.60
CA GLY A 89 16.06 -30.37 4.24
C GLY A 89 14.83 -31.19 3.91
N ILE A 90 13.84 -30.54 3.28
CA ILE A 90 12.56 -31.15 2.94
C ILE A 90 12.15 -30.70 1.54
N HIS A 91 11.04 -31.26 1.04
CA HIS A 91 10.39 -30.81 -0.19
C HIS A 91 9.13 -30.05 0.17
N MET A 92 9.05 -28.81 -0.21
CA MET A 92 7.85 -28.01 0.07
C MET A 92 6.90 -28.03 -1.12
N PRO A 93 5.62 -28.33 -0.92
CA PRO A 93 4.65 -28.28 -2.02
C PRO A 93 4.43 -26.86 -2.51
N PRO A 94 3.96 -26.68 -3.74
CA PRO A 94 3.66 -25.31 -4.17
C PRO A 94 2.56 -24.74 -3.30
N SER A 95 2.66 -23.44 -3.04
CA SER A 95 1.62 -22.77 -2.27
C SER A 95 0.37 -22.58 -3.13
N GLU A 96 -0.62 -21.90 -2.56
CA GLU A 96 -1.84 -21.60 -3.31
C GLU A 96 -1.62 -20.46 -4.29
N VAL A 97 -0.72 -19.52 -3.97
CA VAL A 97 -0.28 -18.56 -4.96
C VAL A 97 0.25 -19.29 -6.20
N ASN A 98 1.12 -20.28 -5.95
CA ASN A 98 1.70 -21.06 -7.04
C ASN A 98 0.61 -21.72 -7.89
N THR A 99 -0.37 -22.38 -7.23
CA THR A 99 -1.40 -23.12 -7.96
C THR A 99 -2.06 -22.21 -8.98
N LYS A 100 -2.41 -21.04 -8.53
CA LYS A 100 -3.13 -20.12 -9.38
C LYS A 100 -2.21 -19.59 -10.46
N ASN A 101 -0.91 -19.47 -10.16
CA ASN A 101 0.08 -19.07 -11.16
C ASN A 101 0.43 -20.21 -12.13
N GLY A 102 -0.18 -21.40 -12.00
CA GLY A 102 0.17 -22.54 -12.82
C GLY A 102 1.48 -23.22 -12.50
N ASP A 103 2.05 -23.04 -11.30
CA ASP A 103 3.31 -23.68 -10.92
C ASP A 103 2.99 -24.89 -10.05
N SER A 104 3.37 -26.05 -10.54
CA SER A 104 3.26 -27.31 -9.86
C SER A 104 4.55 -27.69 -9.13
N ARG A 105 5.57 -26.84 -9.21
CA ARG A 105 6.93 -27.30 -8.89
C ARG A 105 7.15 -27.36 -7.39
N VAL A 106 7.74 -28.48 -6.94
CA VAL A 106 8.16 -28.55 -5.55
C VAL A 106 9.30 -27.57 -5.31
N LYS A 107 9.58 -27.32 -4.04
CA LYS A 107 10.64 -26.42 -3.63
C LYS A 107 11.60 -27.20 -2.74
N ASN A 108 12.88 -27.21 -3.09
CA ASN A 108 13.92 -27.85 -2.29
C ASN A 108 14.31 -26.87 -1.17
N VAL A 109 13.84 -27.11 0.06
CA VAL A 109 13.88 -26.09 1.10
C VAL A 109 14.59 -26.63 2.34
N LEU A 110 15.45 -25.78 2.93
CA LEU A 110 16.15 -26.11 4.17
C LEU A 110 15.55 -25.31 5.33
N LEU A 111 14.98 -26.02 6.31
CA LEU A 111 14.38 -25.38 7.48
C LEU A 111 15.37 -25.28 8.63
N TYR A 112 15.45 -24.11 9.24
CA TYR A 112 16.10 -23.94 10.53
C TYR A 112 15.01 -23.77 11.60
N ILE A 113 14.95 -24.71 12.54
CA ILE A 113 13.88 -24.77 13.53
C ILE A 113 14.47 -24.72 14.93
N ASN A 114 13.97 -23.80 15.77
CA ASN A 114 14.57 -23.68 17.10
C ASN A 114 13.91 -24.63 18.09
N SER A 115 14.37 -24.59 19.34
CA SER A 115 13.92 -25.58 20.33
C SER A 115 12.46 -25.41 20.70
N ASN A 116 11.84 -24.28 20.35
CA ASN A 116 10.41 -24.12 20.53
C ASN A 116 9.62 -24.42 19.26
N GLY A 117 10.24 -25.14 18.31
CA GLY A 117 9.53 -25.54 17.11
C GLY A 117 9.21 -24.40 16.18
N GLU A 118 9.82 -23.24 16.36
CA GLU A 118 9.63 -22.12 15.48
C GLU A 118 10.59 -22.18 14.28
N ILE A 119 10.06 -21.99 13.08
CA ILE A 119 10.89 -21.94 11.88
C ILE A 119 11.49 -20.55 11.73
N LEU A 120 12.81 -20.47 11.80
CA LEU A 120 13.50 -19.20 11.68
C LEU A 120 13.98 -18.92 10.27
N GLN A 121 14.12 -19.96 9.44
CA GLN A 121 14.57 -19.74 8.07
C GLN A 121 14.04 -20.86 7.19
N LYS A 122 13.73 -20.47 5.95
CA LYS A 122 13.31 -21.35 4.87
C LYS A 122 14.23 -20.97 3.72
N TYR A 123 15.35 -21.69 3.56
CA TYR A 123 16.20 -21.44 2.42
C TYR A 123 15.80 -22.38 1.28
N GLN A 124 15.53 -21.81 0.12
CA GLN A 124 15.14 -22.57 -1.06
C GLN A 124 16.34 -22.70 -1.98
N LYS A 125 16.67 -23.93 -2.36
CA LYS A 125 17.89 -24.19 -3.14
C LYS A 125 17.97 -23.29 -4.37
N LEU A 126 19.15 -22.67 -4.56
CA LEU A 126 19.38 -21.72 -5.65
C LEU A 126 19.79 -22.40 -6.96
N HIS A 127 20.64 -23.42 -6.91
CA HIS A 127 21.25 -23.99 -8.10
C HIS A 127 20.64 -25.37 -8.41
N LEU A 128 20.18 -25.53 -9.65
CA LEU A 128 19.54 -26.76 -10.11
C LEU A 128 20.33 -27.35 -11.28
N PHE A 129 20.18 -28.66 -11.46
CA PHE A 129 20.94 -29.35 -12.51
C PHE A 129 20.08 -29.39 -13.76
N ASP A 130 20.39 -28.52 -14.72
CA ASP A 130 19.76 -28.56 -16.04
C ASP A 130 20.84 -28.80 -17.09
N VAL A 131 20.63 -29.80 -17.93
CA VAL A 131 21.53 -30.07 -19.04
C VAL A 131 20.67 -30.25 -20.29
N ASP A 132 21.12 -29.65 -21.40
CA ASP A 132 20.35 -29.53 -22.63
C ASP A 132 21.28 -29.82 -23.83
N VAL A 133 21.71 -31.06 -23.96
CA VAL A 133 22.56 -31.45 -25.10
C VAL A 133 21.82 -31.27 -26.43
N PRO A 137 22.44 -35.94 -22.96
CA PRO A 137 21.19 -35.49 -23.59
C PRO A 137 20.49 -34.38 -22.79
N ILE A 138 19.21 -34.53 -22.46
CA ILE A 138 18.49 -33.47 -21.76
C ILE A 138 17.91 -34.03 -20.46
N LEU A 139 18.19 -33.34 -19.35
CA LEU A 139 17.58 -33.61 -18.05
C LEU A 139 17.46 -32.26 -17.34
N LYS A 140 16.25 -31.94 -16.87
CA LYS A 140 15.95 -30.61 -16.33
C LYS A 140 15.35 -30.74 -14.93
N GLU A 141 16.16 -30.52 -13.92
CA GLU A 141 15.63 -30.46 -12.56
C GLU A 141 14.58 -29.35 -12.44
N SER A 142 14.77 -28.23 -13.17
CA SER A 142 13.88 -27.08 -13.08
C SER A 142 12.52 -27.33 -13.70
N ASN A 143 12.33 -28.43 -14.42
CA ASN A 143 10.98 -28.77 -14.88
C ASN A 143 10.08 -29.10 -13.70
N SER A 144 10.63 -29.68 -12.65
CA SER A 144 9.82 -30.06 -11.49
C SER A 144 10.15 -29.33 -10.20
N VAL A 145 11.27 -28.63 -10.14
CA VAL A 145 11.75 -28.01 -8.90
C VAL A 145 11.91 -26.52 -9.17
N GLN A 146 11.34 -25.70 -8.30
CA GLN A 146 11.43 -24.25 -8.45
C GLN A 146 12.72 -23.75 -7.83
N PRO A 147 13.58 -23.08 -8.58
CA PRO A 147 14.78 -22.49 -7.96
C PRO A 147 14.41 -21.39 -6.98
N GLY A 148 15.26 -21.21 -5.96
CA GLY A 148 15.07 -20.15 -5.01
C GLY A 148 15.39 -18.79 -5.62
N SER A 149 15.04 -17.73 -4.89
CA SER A 149 15.31 -16.39 -5.37
C SER A 149 16.12 -15.55 -4.40
N GLU A 150 16.73 -16.14 -3.38
CA GLU A 150 17.52 -15.31 -2.46
C GLU A 150 18.71 -16.05 -1.90
N ILE A 151 19.79 -15.29 -1.73
CA ILE A 151 20.86 -15.69 -0.81
C ILE A 151 20.33 -15.60 0.61
N PRO A 152 20.39 -16.67 1.40
CA PRO A 152 19.80 -16.62 2.75
C PRO A 152 20.59 -15.68 3.67
N SER A 153 19.87 -15.12 4.64
CA SER A 153 20.50 -14.31 5.69
C SER A 153 21.23 -15.20 6.69
N ILE A 154 22.25 -14.63 7.33
CA ILE A 154 23.01 -15.37 8.33
C ILE A 154 22.15 -15.63 9.56
N ILE A 155 22.22 -16.86 10.10
CA ILE A 155 21.48 -17.22 11.31
C ILE A 155 22.43 -17.19 12.50
N ASN A 156 21.99 -16.58 13.60
CA ASN A 156 22.76 -16.56 14.85
C ASN A 156 22.34 -17.76 15.67
N THR A 157 23.04 -18.87 15.46
CA THR A 157 22.76 -20.10 16.18
C THR A 157 23.47 -20.13 17.52
N PRO A 158 23.08 -21.05 18.40
CA PRO A 158 23.82 -21.21 19.66
C PRO A 158 25.32 -21.50 19.50
N VAL A 159 25.80 -21.89 18.33
CA VAL A 159 27.21 -22.19 18.16
C VAL A 159 27.92 -21.24 17.21
N GLY A 160 27.24 -20.19 16.72
CA GLY A 160 27.86 -19.20 15.86
C GLY A 160 27.00 -18.88 14.66
N LYS A 161 27.60 -18.12 13.74
CA LYS A 161 26.90 -17.57 12.58
C LYS A 161 26.89 -18.58 11.45
N LEU A 162 25.70 -19.01 11.05
CA LEU A 162 25.51 -20.05 10.04
C LEU A 162 25.03 -19.45 8.72
N GLY A 163 25.68 -19.86 7.62
CA GLY A 163 25.18 -19.67 6.28
C GLY A 163 24.76 -21.02 5.71
N SER A 164 23.52 -21.10 5.23
CA SER A 164 22.88 -22.37 4.90
C SER A 164 22.77 -22.53 3.39
N CYS A 165 23.21 -23.69 2.87
CA CYS A 165 23.10 -24.03 1.46
C CYS A 165 22.50 -25.43 1.36
N ILE A 166 22.20 -25.85 0.13
CA ILE A 166 21.72 -27.21 -0.14
C ILE A 166 22.51 -27.80 -1.30
N CYS A 167 23.06 -29.00 -1.07
CA CYS A 167 23.60 -29.93 -2.07
C CYS A 167 24.33 -29.26 -3.23
N TYR A 168 23.69 -29.26 -4.42
CA TYR A 168 24.32 -28.76 -5.64
C TYR A 168 24.87 -27.34 -5.50
N ASP A 169 24.31 -26.53 -4.58
CA ASP A 169 24.89 -25.22 -4.26
C ASP A 169 26.39 -25.29 -3.99
N ILE A 170 26.89 -26.43 -3.47
CA ILE A 170 28.28 -26.50 -3.05
C ILE A 170 29.26 -26.30 -4.20
N ARG A 171 28.84 -26.53 -5.44
CA ARG A 171 29.70 -26.44 -6.61
C ARG A 171 29.86 -25.01 -7.13
N PHE A 172 29.15 -24.06 -6.55
CA PHE A 172 29.13 -22.67 -7.01
C PHE A 172 29.78 -21.81 -5.94
N PRO A 173 31.10 -21.55 -6.03
CA PRO A 173 31.80 -20.96 -4.86
C PRO A 173 31.37 -19.54 -4.53
N GLU A 174 30.90 -18.74 -5.52
CA GLU A 174 30.45 -17.38 -5.21
C GLU A 174 29.36 -17.34 -4.12
N LEU A 175 28.51 -18.37 -4.06
CA LEU A 175 27.51 -18.41 -2.99
C LEU A 175 28.16 -18.52 -1.61
N SER A 176 29.13 -19.44 -1.47
CA SER A 176 29.83 -19.60 -0.19
C SER A 176 30.61 -18.34 0.17
N LEU A 177 31.34 -17.79 -0.80
CA LEU A 177 32.07 -16.54 -0.60
C LEU A 177 31.15 -15.43 -0.11
N LYS A 178 29.98 -15.29 -0.74
CA LYS A 178 29.07 -14.22 -0.33
C LYS A 178 28.60 -14.43 1.10
N LEU A 179 28.34 -15.69 1.48
CA LEU A 179 27.90 -15.94 2.86
C LEU A 179 28.99 -15.59 3.86
N ARG A 180 30.27 -15.84 3.52
CA ARG A 180 31.35 -15.35 4.38
C ARG A 180 31.34 -13.82 4.45
N SER A 181 31.14 -13.15 3.32
CA SER A 181 31.05 -11.69 3.29
C SER A 181 29.96 -11.19 4.22
N LYS A 182 28.86 -11.93 4.37
CA LYS A 182 27.79 -11.56 5.29
C LYS A 182 28.04 -11.98 6.74
N GLY A 183 29.13 -12.70 7.02
CA GLY A 183 29.53 -12.92 8.41
C GLY A 183 29.51 -14.35 8.89
N ALA A 184 29.26 -15.31 7.99
CA ALA A 184 29.19 -16.71 8.36
C ALA A 184 30.48 -17.19 9.01
N GLN A 185 30.34 -17.94 10.09
CA GLN A 185 31.45 -18.71 10.67
C GLN A 185 31.36 -20.18 10.32
N ILE A 186 30.15 -20.64 10.00
CA ILE A 186 29.81 -22.02 9.71
C ILE A 186 28.97 -22.01 8.44
N LEU A 187 29.22 -22.98 7.57
CA LEU A 187 28.40 -23.26 6.40
C LEU A 187 27.90 -24.70 6.51
N CYS A 188 26.68 -24.97 6.04
CA CYS A 188 26.23 -26.35 5.89
C CYS A 188 25.81 -26.64 4.45
N PHE A 189 25.99 -27.90 4.03
CA PHE A 189 25.60 -28.38 2.72
C PHE A 189 24.85 -29.71 2.80
N PRO A 190 23.66 -29.73 3.41
CA PRO A 190 22.84 -30.96 3.41
C PRO A 190 22.66 -31.51 2.00
N SER A 191 22.87 -32.81 1.83
CA SER A 191 23.08 -33.33 0.48
C SER A 191 22.65 -34.79 0.34
N ALA A 192 22.43 -35.15 -0.93
CA ALA A 192 22.34 -36.53 -1.39
C ALA A 192 23.15 -36.59 -2.69
N PHE A 193 24.29 -37.27 -2.67
CA PHE A 193 25.16 -37.45 -3.83
C PHE A 193 25.07 -38.90 -4.33
N THR A 194 25.17 -39.07 -5.65
CA THR A 194 25.37 -40.41 -6.21
C THR A 194 26.71 -40.97 -5.75
N MET A 195 26.88 -42.30 -5.88
CA MET A 195 28.13 -42.94 -5.50
C MET A 195 29.30 -42.37 -6.31
N LYS A 196 29.11 -42.24 -7.63
CA LYS A 196 30.14 -41.74 -8.53
C LYS A 196 30.63 -40.36 -8.15
N THR A 197 29.70 -39.40 -8.15
CA THR A 197 30.09 -38.03 -7.91
C THR A 197 30.45 -37.85 -6.45
N GLY A 198 29.80 -38.62 -5.56
CA GLY A 198 30.14 -38.63 -4.15
C GLY A 198 31.59 -39.02 -3.93
N GLU A 199 31.98 -40.17 -4.46
CA GLU A 199 33.38 -40.59 -4.33
C GLU A 199 34.32 -39.58 -4.96
N ALA A 200 33.95 -39.02 -6.12
CA ALA A 200 34.90 -38.14 -6.80
C ALA A 200 35.10 -36.85 -6.03
N HIS A 201 34.01 -36.19 -5.59
CA HIS A 201 34.10 -34.78 -5.24
C HIS A 201 33.54 -34.39 -3.88
N TRP A 202 32.85 -35.28 -3.18
CA TRP A 202 32.19 -34.92 -1.92
C TRP A 202 33.16 -34.29 -0.93
N GLU A 203 34.24 -35.00 -0.59
CA GLU A 203 35.15 -34.49 0.42
C GLU A 203 35.97 -33.32 -0.11
N LEU A 204 36.37 -33.39 -1.37
CA LEU A 204 37.13 -32.29 -1.96
C LEU A 204 36.35 -30.98 -1.89
N LEU A 205 35.07 -31.03 -2.30
CA LEU A 205 34.23 -29.82 -2.28
C LEU A 205 34.06 -29.28 -0.88
N GLY A 206 33.80 -30.15 0.10
CA GLY A 206 33.64 -29.67 1.47
C GLY A 206 34.88 -28.97 1.98
N ARG A 207 36.03 -29.62 1.82
CA ARG A 207 37.29 -29.02 2.27
C ARG A 207 37.57 -27.71 1.53
N ALA A 208 37.28 -27.68 0.22
CA ALA A 208 37.53 -26.49 -0.58
C ALA A 208 36.71 -25.32 -0.06
N ARG A 209 35.40 -25.52 0.15
CA ARG A 209 34.61 -24.44 0.69
C ARG A 209 35.08 -24.06 2.09
N ALA A 210 35.60 -25.03 2.85
CA ALA A 210 36.08 -24.72 4.19
C ALA A 210 37.27 -23.78 4.13
N ILE A 211 38.28 -24.11 3.31
CA ILE A 211 39.43 -23.21 3.34
C ILE A 211 39.17 -21.93 2.52
N ASP A 212 38.32 -21.99 1.49
CA ASP A 212 38.02 -20.80 0.71
C ASP A 212 37.44 -19.70 1.60
N THR A 213 36.59 -20.08 2.55
CA THR A 213 35.91 -19.13 3.41
C THR A 213 36.44 -19.13 4.83
N GLN A 214 37.39 -20.01 5.15
CA GLN A 214 37.87 -20.20 6.53
C GLN A 214 36.70 -20.44 7.48
N SER A 215 35.79 -21.33 7.08
CA SER A 215 34.63 -21.64 7.91
C SER A 215 34.64 -23.10 8.32
N PHE A 216 33.93 -23.37 9.40
CA PHE A 216 33.50 -24.74 9.65
C PHE A 216 32.47 -25.11 8.59
N VAL A 217 32.57 -26.33 8.09
CA VAL A 217 31.67 -26.78 7.04
C VAL A 217 31.02 -28.06 7.52
N VAL A 218 29.70 -28.05 7.55
CA VAL A 218 28.90 -29.20 7.96
C VAL A 218 28.39 -29.85 6.71
N MET A 219 28.61 -31.17 6.60
CA MET A 219 28.30 -31.95 5.42
C MET A 219 27.36 -33.09 5.82
N PRO A 220 26.08 -32.79 6.08
CA PRO A 220 25.11 -33.86 6.36
C PRO A 220 24.68 -34.54 5.06
N ALA A 221 24.76 -35.86 5.03
CA ALA A 221 24.46 -36.59 3.81
C ALA A 221 23.50 -37.75 4.04
N GLN A 222 22.62 -37.97 3.08
CA GLN A 222 21.98 -39.26 2.92
C GLN A 222 23.05 -40.33 2.70
N GLN A 223 22.85 -41.54 3.24
CA GLN A 223 23.78 -42.64 2.98
C GLN A 223 23.03 -43.96 2.81
N GLY A 224 23.28 -44.64 1.70
CA GLY A 224 22.79 -46.00 1.52
C GLY A 224 21.84 -46.11 0.36
N GLU A 225 21.22 -47.28 0.27
CA GLU A 225 20.25 -47.56 -0.80
C GLU A 225 18.86 -47.21 -0.29
N HIS A 226 18.23 -46.24 -0.93
CA HIS A 226 16.93 -45.73 -0.51
C HIS A 226 15.79 -46.66 -0.92
N ASP A 227 14.85 -46.89 0.01
CA ASP A 227 13.62 -47.63 -0.29
C ASP A 227 12.57 -46.64 -0.78
N VAL A 228 12.52 -46.43 -2.10
CA VAL A 228 11.56 -45.51 -2.70
C VAL A 228 10.29 -46.26 -3.10
N TYR A 229 10.12 -47.47 -2.56
CA TYR A 229 8.89 -48.24 -2.73
C TYR A 229 8.24 -48.55 -1.38
N ALA A 230 8.50 -47.72 -0.38
CA ALA A 230 8.05 -47.97 0.99
C ALA A 230 6.74 -47.26 1.32
N ASP A 231 6.20 -46.49 0.39
CA ASP A 231 4.90 -45.84 0.57
C ASP A 231 3.77 -46.65 -0.06
N GLU A 232 4.09 -47.67 -0.85
CA GLU A 232 3.09 -48.59 -1.36
C GLU A 232 2.97 -49.80 -0.44
N ALA A 239 12.50 -51.44 -9.91
CA ALA A 239 12.97 -50.83 -11.15
C ALA A 239 13.89 -49.64 -10.86
N VAL A 240 13.31 -48.52 -10.44
CA VAL A 240 14.09 -47.32 -10.12
C VAL A 240 14.94 -47.61 -8.90
N LYS A 241 16.23 -47.25 -8.97
CA LYS A 241 17.14 -47.48 -7.86
C LYS A 241 17.86 -46.18 -7.49
N ARG A 242 18.07 -45.98 -6.19
CA ARG A 242 18.63 -44.74 -5.66
C ARG A 242 19.56 -45.04 -4.49
N ILE A 243 20.84 -44.72 -4.66
CA ILE A 243 21.88 -45.00 -3.68
C ILE A 243 22.72 -43.76 -3.47
N SER A 244 22.88 -43.35 -2.20
CA SER A 244 23.61 -42.14 -1.83
C SER A 244 24.97 -42.46 -1.22
N TRP A 245 25.98 -41.68 -1.61
CA TRP A 245 27.35 -41.86 -1.14
C TRP A 245 27.48 -41.77 0.39
N GLY A 246 26.75 -40.85 1.02
CA GLY A 246 26.91 -40.65 2.46
C GLY A 246 28.22 -39.95 2.83
N HIS A 247 28.95 -40.55 3.78
CA HIS A 247 30.20 -39.99 4.31
C HIS A 247 30.00 -38.60 4.94
N SER A 248 28.94 -38.44 5.74
CA SER A 248 28.70 -37.17 6.43
C SER A 248 29.93 -36.82 7.24
N MET A 249 30.21 -35.51 7.32
CA MET A 249 31.44 -35.09 7.97
C MET A 249 31.35 -33.62 8.36
N ILE A 250 32.26 -33.24 9.25
CA ILE A 250 32.40 -31.87 9.76
C ILE A 250 33.84 -31.45 9.59
N ILE A 251 34.05 -30.29 8.98
CA ILE A 251 35.36 -29.81 8.54
C ILE A 251 35.67 -28.48 9.20
N ASP A 252 36.94 -28.24 9.51
CA ASP A 252 37.31 -27.01 10.22
C ASP A 252 37.86 -25.95 9.25
N PRO A 253 38.07 -24.70 9.70
CA PRO A 253 38.46 -23.64 8.75
C PRO A 253 39.79 -23.91 8.07
N TRP A 254 40.57 -24.87 8.54
CA TRP A 254 41.85 -25.19 7.96
C TRP A 254 41.75 -26.34 6.95
N GLY A 255 40.56 -26.92 6.80
CA GLY A 255 40.38 -28.10 5.96
C GLY A 255 40.49 -29.43 6.68
N ARG A 256 40.69 -29.43 7.99
CA ARG A 256 40.81 -30.69 8.71
C ARG A 256 39.43 -31.32 8.90
N ILE A 257 39.35 -32.63 8.70
CA ILE A 257 38.13 -33.39 9.02
C ILE A 257 38.08 -33.59 10.53
N LEU A 258 37.13 -32.92 11.20
CA LEU A 258 36.96 -33.07 12.65
C LEU A 258 36.28 -34.38 13.00
N SER A 259 35.36 -34.81 12.16
CA SER A 259 34.49 -35.93 12.51
C SER A 259 33.91 -36.43 11.21
N ALA A 260 33.84 -37.73 11.04
CA ALA A 260 33.22 -38.27 9.85
C ALA A 260 32.44 -39.53 10.20
N ALA A 261 31.53 -39.91 9.30
CA ALA A 261 30.62 -41.00 9.58
C ALA A 261 31.38 -42.30 9.72
N ASP A 262 30.97 -43.13 10.69
CA ASP A 262 31.40 -44.52 10.70
C ASP A 262 30.91 -45.14 9.41
N LEU A 263 31.85 -45.58 8.57
CA LEU A 263 31.55 -46.16 7.27
C LEU A 263 31.18 -47.64 7.35
N THR A 264 31.28 -48.27 8.52
CA THR A 264 31.04 -49.71 8.62
C THR A 264 29.65 -50.05 9.14
N THR A 265 28.72 -49.09 9.17
CA THR A 265 27.30 -49.41 9.36
C THR A 265 26.45 -48.40 8.58
N HIS A 266 25.31 -48.90 8.05
CA HIS A 266 24.34 -48.06 7.36
C HIS A 266 23.13 -47.74 8.22
N ASP A 267 23.17 -48.06 9.52
CA ASP A 267 22.15 -47.60 10.41
C ASP A 267 22.25 -46.08 10.53
N PRO A 268 21.13 -45.40 10.81
CA PRO A 268 21.21 -43.98 11.13
C PRO A 268 22.22 -43.77 12.26
N GLN A 269 22.95 -42.67 12.19
CA GLN A 269 23.98 -42.43 13.20
C GLN A 269 24.13 -40.94 13.38
N LEU A 270 24.62 -40.58 14.57
CA LEU A 270 24.92 -39.21 14.97
C LEU A 270 26.42 -38.99 14.84
N ILE A 271 26.80 -37.96 14.09
CA ILE A 271 28.19 -37.54 13.92
C ILE A 271 28.36 -36.21 14.65
N ILE A 272 29.28 -36.17 15.61
CA ILE A 272 29.37 -35.05 16.54
C ILE A 272 30.75 -34.42 16.45
N ALA A 273 30.82 -33.09 16.63
CA ALA A 273 32.11 -32.41 16.80
C ALA A 273 31.90 -31.14 17.63
N ASP A 274 32.93 -30.77 18.38
CA ASP A 274 32.94 -29.50 19.10
C ASP A 274 33.77 -28.51 18.30
N LEU A 275 33.17 -27.38 17.96
CA LEU A 275 33.81 -26.39 17.10
C LEU A 275 34.73 -25.49 17.93
N ASP A 276 36.01 -25.40 17.55
CA ASP A 276 36.95 -24.54 18.27
C ASP A 276 36.92 -23.16 17.64
N ILE A 277 35.98 -22.33 18.11
CA ILE A 277 35.73 -21.01 17.51
C ILE A 277 36.97 -20.13 17.67
N GLU A 278 37.70 -20.31 18.78
CA GLU A 278 38.87 -19.50 19.04
C GLU A 278 39.97 -19.76 18.02
N ALA A 279 40.23 -21.03 17.71
CA ALA A 279 41.18 -21.33 16.63
C ALA A 279 40.70 -20.75 15.30
N GLN A 280 39.39 -20.69 15.07
CA GLN A 280 38.89 -20.02 13.86
C GLN A 280 39.23 -18.53 13.86
N ASP A 281 39.04 -17.86 15.00
CA ASP A 281 39.39 -16.44 15.08
C ASP A 281 40.87 -16.22 14.73
N LYS A 282 41.74 -17.11 15.20
CA LYS A 282 43.18 -16.98 14.92
C LYS A 282 43.49 -17.18 13.44
N ILE A 283 42.89 -18.19 12.81
CA ILE A 283 43.10 -18.41 11.38
C ILE A 283 42.62 -17.21 10.58
N ARG A 284 41.44 -16.67 10.93
CA ARG A 284 40.90 -15.55 10.18
C ARG A 284 41.73 -14.28 10.40
N ARG A 285 42.28 -14.11 11.60
CA ARG A 285 43.18 -12.99 11.87
C ARG A 285 44.52 -13.15 11.16
N ASP A 286 45.08 -14.36 11.16
CA ASP A 286 46.42 -14.56 10.63
C ASP A 286 46.48 -14.55 9.10
N MET A 287 45.38 -14.92 8.44
CA MET A 287 45.30 -14.90 6.97
C MET A 287 44.03 -14.15 6.60
N PRO A 288 44.06 -12.82 6.63
CA PRO A 288 42.81 -12.04 6.46
C PRO A 288 42.36 -11.96 5.01
N LEU A 289 41.85 -13.08 4.48
CA LEU A 289 41.54 -13.14 3.06
C LEU A 289 40.49 -12.10 2.67
N TRP A 290 39.55 -11.77 3.57
CA TRP A 290 38.51 -10.84 3.17
C TRP A 290 38.99 -9.40 3.14
N ALA A 291 40.02 -9.06 3.92
CA ALA A 291 40.64 -7.75 3.81
C ALA A 291 41.53 -7.63 2.58
N GLN A 292 41.92 -8.76 1.98
CA GLN A 292 42.85 -8.79 0.86
C GLN A 292 42.16 -8.90 -0.50
N ARG A 293 40.83 -9.00 -0.56
CA ARG A 293 40.15 -9.09 -1.85
C ARG A 293 40.41 -7.81 -2.65
N ARG A 294 40.39 -7.97 -3.97
CA ARG A 294 40.58 -6.87 -4.89
C ARG A 294 39.20 -6.35 -5.32
N ARG A 295 38.59 -5.54 -4.46
CA ARG A 295 37.26 -5.02 -4.75
C ARG A 295 37.28 -3.97 -5.85
N ASP A 296 38.41 -3.33 -6.09
CA ASP A 296 38.62 -2.52 -7.28
C ASP A 296 38.60 -3.36 -8.56
N ILE A 297 38.81 -4.67 -8.47
CA ILE A 297 38.78 -5.55 -9.63
C ILE A 297 37.43 -6.25 -9.78
N PHE A 298 36.89 -6.81 -8.70
CA PHE A 298 35.72 -7.67 -8.79
C PHE A 298 34.44 -7.00 -8.33
N GLY A 299 34.52 -5.79 -7.78
CA GLY A 299 33.34 -5.15 -7.20
C GLY A 299 33.18 -5.62 -5.77
N ASP A 300 32.01 -5.35 -5.19
CA ASP A 300 31.74 -5.76 -3.82
C ASP A 300 30.40 -6.50 -3.73
N PHE A 301 30.28 -7.58 -4.51
CA PHE A 301 29.47 -8.74 -4.12
C PHE A 301 27.96 -8.57 -4.30
N ASN B 2 -12.27 -31.57 29.50
CA ASN B 2 -13.28 -32.13 30.39
C ASN B 2 -14.29 -31.04 30.82
N VAL B 3 -14.00 -30.35 31.93
CA VAL B 3 -14.63 -29.06 32.20
C VAL B 3 -13.92 -28.01 31.37
N ALA B 4 -14.69 -27.26 30.57
CA ALA B 4 -14.10 -26.26 29.67
C ALA B 4 -13.80 -25.00 30.46
N ARG B 5 -12.71 -25.04 31.22
CA ARG B 5 -12.37 -23.97 32.14
C ARG B 5 -11.34 -23.04 31.51
N ILE B 6 -11.70 -21.77 31.39
CA ILE B 6 -10.78 -20.77 30.86
C ILE B 6 -10.49 -19.72 31.93
N GLY B 7 -9.46 -18.95 31.70
CA GLY B 7 -9.08 -17.90 32.63
C GLY B 7 -8.61 -16.66 31.90
N ILE B 8 -8.77 -15.52 32.56
CA ILE B 8 -8.21 -14.26 32.12
C ILE B 8 -7.16 -13.86 33.14
N GLY B 9 -5.99 -13.45 32.66
CA GLY B 9 -4.98 -12.86 33.51
C GLY B 9 -5.03 -11.35 33.40
N GLN B 10 -5.67 -10.69 34.36
CA GLN B 10 -5.76 -9.22 34.35
C GLN B 10 -4.56 -8.64 35.08
N LEU B 11 -3.94 -7.63 34.48
CA LEU B 11 -2.76 -6.99 35.07
C LEU B 11 -2.70 -5.55 34.61
N CYS B 12 -1.65 -4.85 35.04
CA CYS B 12 -1.38 -3.46 34.65
C CYS B 12 0.08 -3.35 34.21
N SER B 13 0.31 -3.56 32.92
CA SER B 13 1.68 -3.63 32.40
C SER B 13 2.40 -2.31 32.59
N SER B 14 3.68 -2.41 32.95
CA SER B 14 4.59 -1.29 33.05
C SER B 14 5.44 -1.24 31.79
N SER B 15 6.41 -0.32 31.76
CA SER B 15 7.39 -0.27 30.68
C SER B 15 8.55 -1.23 30.89
N ASN B 16 8.47 -2.05 31.94
CA ASN B 16 9.55 -2.94 32.37
C ASN B 16 9.16 -4.38 32.02
N LEU B 17 9.68 -4.87 30.88
CA LEU B 17 9.27 -6.18 30.38
C LEU B 17 9.52 -7.28 31.40
N LYS B 18 10.68 -7.25 32.07
CA LYS B 18 10.99 -8.33 32.99
C LYS B 18 10.06 -8.31 34.19
N GLN B 19 9.69 -7.11 34.66
CA GLN B 19 8.67 -7.01 35.71
C GLN B 19 7.35 -7.61 35.26
N ASN B 20 6.90 -7.23 34.06
CA ASN B 20 5.65 -7.77 33.52
C ASN B 20 5.72 -9.29 33.36
N LEU B 21 6.89 -9.83 32.97
CA LEU B 21 6.99 -11.28 32.80
C LEU B 21 6.81 -12.01 34.12
N GLU B 22 7.35 -11.47 35.22
CA GLU B 22 7.15 -12.06 36.54
C GLU B 22 5.67 -12.09 36.92
N VAL B 23 4.93 -11.04 36.58
CA VAL B 23 3.49 -11.06 36.83
C VAL B 23 2.82 -12.14 36.01
N VAL B 24 3.20 -12.23 34.72
CA VAL B 24 2.58 -13.21 33.84
C VAL B 24 2.80 -14.63 34.36
N LYS B 25 4.04 -14.95 34.73
CA LYS B 25 4.35 -16.30 35.21
C LYS B 25 3.61 -16.60 36.50
N SER B 26 3.55 -15.63 37.42
CA SER B 26 2.79 -15.82 38.64
C SER B 26 1.34 -16.20 38.33
N LEU B 27 0.72 -15.52 37.35
CA LEU B 27 -0.68 -15.77 37.00
C LEU B 27 -0.86 -17.12 36.31
N ILE B 28 0.12 -17.51 35.48
CA ILE B 28 0.12 -18.86 34.91
C ILE B 28 0.15 -19.90 36.02
N LYS B 29 1.00 -19.68 37.02
CA LYS B 29 1.10 -20.65 38.11
C LYS B 29 -0.21 -20.72 38.90
N LYS B 30 -0.80 -19.56 39.20
CA LYS B 30 -2.10 -19.56 39.86
C LYS B 30 -3.16 -20.26 39.00
N ALA B 31 -3.06 -20.14 37.68
CA ALA B 31 -4.08 -20.73 36.81
C ALA B 31 -3.94 -22.25 36.73
N LEU B 32 -2.71 -22.77 36.69
CA LEU B 32 -2.51 -24.22 36.77
C LEU B 32 -3.12 -24.78 38.06
N ASP B 33 -2.91 -24.09 39.18
CA ASP B 33 -3.49 -24.55 40.45
C ASP B 33 -5.01 -24.60 40.41
N GLN B 34 -5.65 -23.73 39.63
CA GLN B 34 -7.10 -23.73 39.46
C GLN B 34 -7.59 -24.60 38.31
N ASP B 35 -6.71 -25.37 37.67
CA ASP B 35 -7.08 -26.26 36.57
C ASP B 35 -7.66 -25.49 35.37
N VAL B 36 -7.19 -24.27 35.14
CA VAL B 36 -7.53 -23.54 33.92
C VAL B 36 -6.89 -24.25 32.72
N LYS B 37 -7.68 -24.47 31.67
CA LYS B 37 -7.12 -25.06 30.46
C LYS B 37 -6.51 -24.02 29.50
N VAL B 38 -7.16 -22.86 29.33
CA VAL B 38 -6.64 -21.79 28.47
C VAL B 38 -6.71 -20.48 29.22
N LEU B 39 -5.60 -19.74 29.25
CA LEU B 39 -5.46 -18.50 30.01
C LEU B 39 -5.20 -17.34 29.06
N PHE B 40 -6.09 -16.35 29.07
CA PHE B 40 -6.03 -15.21 28.16
C PHE B 40 -5.46 -13.98 28.85
N PHE B 41 -4.46 -13.37 28.23
CA PHE B 41 -3.87 -12.12 28.66
C PHE B 41 -4.27 -10.96 27.74
N PRO B 42 -4.15 -9.71 28.20
CA PRO B 42 -4.61 -8.56 27.42
C PRO B 42 -3.67 -8.16 26.29
N GLU B 43 -4.09 -7.14 25.54
CA GLU B 43 -3.21 -6.43 24.61
C GLU B 43 -2.02 -5.86 25.36
N ALA B 44 -0.87 -5.80 24.68
CA ALA B 44 0.32 -5.14 25.19
C ALA B 44 0.72 -5.68 26.58
N THR B 45 0.61 -6.99 26.75
CA THR B 45 1.01 -7.56 28.03
C THR B 45 2.52 -7.37 28.27
N ASP B 46 3.33 -7.37 27.21
CA ASP B 46 4.78 -7.22 27.39
C ASP B 46 5.15 -5.84 27.90
N TYR B 47 4.53 -4.79 27.35
CA TYR B 47 4.82 -3.44 27.87
C TYR B 47 3.77 -2.45 27.38
N LEU B 48 3.61 -1.38 28.17
CA LEU B 48 3.08 -0.12 27.67
C LEU B 48 4.20 0.92 27.67
N SER B 49 4.19 1.81 26.69
CA SER B 49 5.28 2.76 26.50
C SER B 49 4.78 4.20 26.68
N ARG B 50 5.74 5.14 26.63
CA ARG B 50 5.43 6.56 26.71
C ARG B 50 5.01 7.12 25.36
N ASN B 51 5.63 6.65 24.29
CA ASN B 51 5.39 7.18 22.95
C ASN B 51 5.85 6.15 21.95
N ALA B 52 5.74 6.50 20.66
CA ALA B 52 6.05 5.55 19.60
C ALA B 52 7.54 5.20 19.57
N GLU B 53 8.42 6.13 19.93
CA GLU B 53 9.85 5.80 19.91
C GLU B 53 10.23 4.94 21.10
N HIS B 54 9.61 5.20 22.26
CA HIS B 54 9.75 4.29 23.39
C HIS B 54 9.30 2.89 23.02
N SER B 55 8.19 2.79 22.30
CA SER B 55 7.68 1.49 21.90
C SER B 55 8.64 0.79 20.95
N LYS B 56 9.25 1.55 20.03
CA LYS B 56 10.16 0.94 19.06
C LYS B 56 11.39 0.36 19.74
N LYS B 57 11.86 1.01 20.80
CA LYS B 57 13.03 0.53 21.52
C LYS B 57 12.68 -0.64 22.42
N LEU B 58 11.55 -0.57 23.12
CA LEU B 58 11.14 -1.67 24.00
C LEU B 58 10.81 -2.93 23.21
N ALA B 59 10.25 -2.78 22.00
CA ALA B 59 9.85 -3.95 21.22
C ALA B 59 11.04 -4.85 20.92
N SER B 60 12.24 -4.28 20.80
CA SER B 60 13.42 -5.09 20.54
C SER B 60 13.71 -6.06 21.67
N GLN B 61 13.23 -5.79 22.89
CA GLN B 61 13.37 -6.72 24.00
C GLN B 61 12.33 -7.84 23.99
N THR B 62 11.31 -7.74 23.17
CA THR B 62 10.17 -8.66 23.30
C THR B 62 10.52 -10.07 22.86
N PRO B 63 11.27 -10.28 21.76
CA PRO B 63 11.68 -11.65 21.43
C PRO B 63 12.30 -12.40 22.61
N GLU B 64 13.18 -11.76 23.37
CA GLU B 64 13.69 -12.41 24.58
C GLU B 64 12.55 -12.66 25.58
N PHE B 65 11.60 -11.73 25.67
CA PHE B 65 10.44 -11.94 26.54
C PHE B 65 9.65 -13.17 26.12
N ILE B 66 9.43 -13.33 24.81
CA ILE B 66 8.66 -14.48 24.33
C ILE B 66 9.39 -15.79 24.59
N SER B 67 10.70 -15.82 24.33
CA SER B 67 11.45 -17.06 24.52
C SER B 67 11.47 -17.47 25.99
N GLU B 68 11.62 -16.50 26.88
CA GLU B 68 11.59 -16.82 28.31
C GLU B 68 10.18 -17.20 28.78
N LEU B 69 9.13 -16.71 28.11
CA LEU B 69 7.79 -17.16 28.47
C LEU B 69 7.55 -18.59 28.00
N GLN B 70 7.91 -18.90 26.76
CA GLN B 70 7.83 -20.28 26.27
C GLN B 70 8.57 -21.24 27.18
N SER B 71 9.67 -20.81 27.77
CA SER B 71 10.42 -21.69 28.64
C SER B 71 9.74 -21.83 30.00
N ALA B 72 9.14 -20.77 30.50
CA ALA B 72 8.42 -20.87 31.77
C ALA B 72 7.18 -21.73 31.64
N ILE B 73 6.53 -21.69 30.48
CA ILE B 73 5.37 -22.55 30.27
C ILE B 73 5.77 -24.01 30.34
N CYS B 74 6.84 -24.38 29.62
CA CYS B 74 7.34 -25.75 29.68
C CYS B 74 7.67 -26.15 31.11
N GLN B 75 8.35 -25.27 31.83
CA GLN B 75 8.74 -25.56 33.21
C GLN B 75 7.52 -25.67 34.13
N LEU B 76 6.61 -24.69 34.08
CA LEU B 76 5.48 -24.69 35.00
C LEU B 76 4.53 -25.85 34.74
N THR B 77 4.28 -26.18 33.47
CA THR B 77 3.40 -27.32 33.20
C THR B 77 4.05 -28.64 33.58
N LYS B 78 5.35 -28.76 33.35
CA LYS B 78 6.06 -29.99 33.71
C LYS B 78 6.08 -30.15 35.23
N ALA B 79 6.37 -29.06 35.95
CA ALA B 79 6.31 -29.10 37.40
C ALA B 79 4.91 -29.43 37.89
N ALA B 80 3.88 -28.77 37.32
CA ALA B 80 2.51 -29.03 37.74
C ALA B 80 1.97 -30.37 37.25
N GLY B 81 2.62 -30.99 36.28
CA GLY B 81 2.05 -32.21 35.74
C GLY B 81 0.74 -32.05 35.00
N LYS B 82 0.42 -30.85 34.53
CA LYS B 82 -0.81 -30.64 33.76
C LYS B 82 -0.57 -29.56 32.72
N PRO B 83 -1.33 -29.57 31.64
CA PRO B 83 -1.11 -28.61 30.56
C PRO B 83 -1.95 -27.35 30.70
N ILE B 84 -1.49 -26.29 30.04
CA ILE B 84 -2.26 -25.05 29.90
C ILE B 84 -1.81 -24.35 28.63
N ASP B 85 -2.75 -23.71 27.95
CA ASP B 85 -2.46 -22.85 26.81
C ASP B 85 -2.63 -21.40 27.19
N ILE B 86 -1.92 -20.52 26.47
CA ILE B 86 -1.74 -19.12 26.79
C ILE B 86 -2.01 -18.30 25.53
N SER B 87 -2.86 -17.28 25.67
CA SER B 87 -3.15 -16.31 24.62
C SER B 87 -2.71 -14.96 25.15
N ILE B 88 -1.78 -14.31 24.44
CA ILE B 88 -1.15 -13.12 25.00
C ILE B 88 -0.82 -12.11 23.89
N GLY B 89 -1.20 -10.86 24.10
CA GLY B 89 -0.85 -9.80 23.18
C GLY B 89 0.48 -9.17 23.53
N ILE B 90 1.32 -8.98 22.50
CA ILE B 90 2.66 -8.40 22.64
C ILE B 90 2.92 -7.47 21.46
N HIS B 91 4.08 -6.80 21.49
CA HIS B 91 4.58 -6.02 20.36
C HIS B 91 5.78 -6.74 19.73
N MET B 92 5.78 -6.85 18.42
CA MET B 92 6.90 -7.42 17.70
C MET B 92 7.67 -6.34 16.97
N PRO B 93 9.00 -6.30 17.12
CA PRO B 93 9.81 -5.30 16.39
C PRO B 93 9.79 -5.60 14.90
N PRO B 94 10.14 -4.62 14.06
CA PRO B 94 10.17 -4.88 12.62
C PRO B 94 11.11 -6.03 12.28
N SER B 95 10.75 -6.77 11.23
CA SER B 95 11.60 -7.85 10.79
C SER B 95 12.82 -7.31 10.05
N GLU B 96 13.78 -8.21 9.82
CA GLU B 96 14.95 -7.88 9.01
C GLU B 96 14.54 -7.29 7.66
N VAL B 97 13.65 -7.97 6.93
CA VAL B 97 13.19 -7.47 5.64
C VAL B 97 12.39 -6.18 5.82
N ASN B 98 11.65 -6.03 6.92
CA ASN B 98 10.89 -4.81 7.15
C ASN B 98 11.82 -3.59 7.13
N THR B 99 12.92 -3.66 7.88
CA THR B 99 13.87 -2.53 7.88
C THR B 99 14.50 -2.35 6.51
N LYS B 100 14.78 -3.45 5.80
CA LYS B 100 15.32 -3.40 4.44
C LYS B 100 14.32 -2.76 3.46
N ASN B 101 13.14 -2.36 3.94
CA ASN B 101 12.23 -1.58 3.11
C ASN B 101 11.81 -0.29 3.79
N GLY B 102 12.49 0.12 4.85
CA GLY B 102 12.18 1.36 5.52
C GLY B 102 11.04 1.31 6.52
N ASP B 103 10.48 0.13 6.78
CA ASP B 103 9.37 -0.03 7.73
C ASP B 103 9.97 -0.34 9.09
N SER B 104 10.09 0.68 9.93
CA SER B 104 10.55 0.52 11.30
C SER B 104 9.41 0.32 12.27
N ARG B 105 8.19 0.07 11.78
CA ARG B 105 7.02 0.05 12.66
C ARG B 105 6.96 -1.24 13.46
N VAL B 106 6.42 -1.14 14.69
CA VAL B 106 6.18 -2.30 15.53
C VAL B 106 4.89 -2.98 15.08
N LYS B 107 4.65 -4.19 15.57
CA LYS B 107 3.49 -4.99 15.20
C LYS B 107 2.72 -5.37 16.45
N ASN B 108 1.40 -5.21 16.41
CA ASN B 108 0.51 -5.58 17.52
C ASN B 108 0.04 -7.00 17.24
N VAL B 109 0.61 -7.96 17.96
CA VAL B 109 0.48 -9.37 17.62
C VAL B 109 -0.05 -10.13 18.81
N LEU B 110 -0.98 -11.03 18.56
CA LEU B 110 -1.55 -11.90 19.57
C LEU B 110 -1.04 -13.32 19.39
N LEU B 111 -0.29 -13.81 20.38
CA LEU B 111 0.30 -15.14 20.34
C LEU B 111 -0.60 -16.15 21.02
N TYR B 112 -0.72 -17.32 20.42
CA TYR B 112 -1.29 -18.49 21.08
C TYR B 112 -0.19 -19.54 21.24
N ILE B 113 0.12 -19.88 22.50
CA ILE B 113 1.26 -20.72 22.88
C ILE B 113 0.77 -21.90 23.70
N ASN B 114 1.13 -23.12 23.28
CA ASN B 114 0.56 -24.30 23.93
C ASN B 114 1.43 -24.77 25.11
N SER B 115 1.00 -25.86 25.74
CA SER B 115 1.63 -26.38 26.96
C SER B 115 3.08 -26.80 26.76
N ASN B 116 3.51 -26.94 25.51
CA ASN B 116 4.89 -27.31 25.20
C ASN B 116 5.72 -26.12 24.71
N GLY B 117 5.22 -24.91 24.88
CA GLY B 117 5.95 -23.75 24.45
C GLY B 117 5.85 -23.46 22.96
N GLU B 118 5.02 -24.21 22.24
CA GLU B 118 4.92 -24.01 20.80
C GLU B 118 3.98 -22.86 20.48
N ILE B 119 4.42 -21.95 19.62
CA ILE B 119 3.56 -20.86 19.16
C ILE B 119 2.71 -21.38 18.00
N LEU B 120 1.39 -21.45 18.22
CA LEU B 120 0.49 -22.00 17.22
C LEU B 120 -0.11 -20.94 16.31
N GLN B 121 -0.05 -19.67 16.69
CA GLN B 121 -0.60 -18.59 15.88
C GLN B 121 0.02 -17.26 16.31
N LYS B 122 0.34 -16.43 15.34
CA LYS B 122 0.63 -15.01 15.57
C LYS B 122 -0.37 -14.24 14.73
N TYR B 123 -1.33 -13.60 15.39
CA TYR B 123 -2.31 -12.75 14.72
C TYR B 123 -1.87 -11.30 14.86
N GLN B 124 -1.75 -10.61 13.74
CA GLN B 124 -1.31 -9.22 13.70
C GLN B 124 -2.54 -8.35 13.51
N LYS B 125 -2.75 -7.41 14.44
CA LYS B 125 -4.02 -6.71 14.51
C LYS B 125 -4.35 -6.04 13.18
N LEU B 126 -5.59 -6.26 12.70
CA LEU B 126 -6.02 -5.76 11.41
C LEU B 126 -6.50 -4.31 11.44
N HIS B 127 -7.11 -3.86 12.53
CA HIS B 127 -7.78 -2.57 12.55
C HIS B 127 -6.99 -1.59 13.40
N LEU B 128 -6.65 -0.44 12.82
CA LEU B 128 -5.88 0.59 13.50
C LEU B 128 -6.70 1.87 13.57
N PHE B 129 -6.43 2.66 14.60
CA PHE B 129 -7.13 3.93 14.80
C PHE B 129 -6.33 5.02 14.11
N ASP B 130 -6.73 5.39 12.89
CA ASP B 130 -6.23 6.58 12.23
C ASP B 130 -7.33 7.64 12.17
N VAL B 131 -6.99 8.88 12.53
CA VAL B 131 -7.94 9.99 12.48
C VAL B 131 -7.18 11.28 12.19
N ASP B 132 -7.77 12.14 11.34
CA ASP B 132 -7.16 13.42 10.96
C ASP B 132 -8.26 14.48 10.83
N VAL B 133 -8.75 14.97 11.97
CA VAL B 133 -9.79 15.98 12.00
C VAL B 133 -9.11 17.34 12.09
N PRO B 134 -9.39 18.26 11.17
CA PRO B 134 -8.79 19.61 11.24
C PRO B 134 -9.15 20.29 12.54
N ASN B 135 -8.13 20.71 13.28
CA ASN B 135 -8.22 21.24 14.63
C ASN B 135 -8.46 20.12 15.64
N GLY B 136 -7.81 18.96 15.42
CA GLY B 136 -7.82 17.84 16.35
C GLY B 136 -9.16 17.12 16.36
N PRO B 137 -9.17 15.81 16.69
CA PRO B 137 -8.05 14.93 17.05
C PRO B 137 -7.25 14.34 15.88
N ILE B 138 -5.93 14.38 16.04
CA ILE B 138 -4.98 13.86 15.07
C ILE B 138 -4.37 12.61 15.70
N LEU B 139 -4.41 11.50 14.98
CA LEU B 139 -3.79 10.29 15.48
C LEU B 139 -3.69 9.27 14.36
N LYS B 140 -2.48 8.85 14.04
CA LYS B 140 -2.23 7.89 12.97
C LYS B 140 -1.46 6.72 13.56
N GLU B 141 -2.20 5.76 14.12
CA GLU B 141 -1.57 4.57 14.70
C GLU B 141 -0.68 3.89 13.68
N SER B 142 -1.08 3.90 12.40
CA SER B 142 -0.33 3.20 11.36
C SER B 142 0.96 3.92 10.98
N ASN B 143 1.21 5.12 11.51
CA ASN B 143 2.53 5.74 11.41
C ASN B 143 3.57 4.95 12.21
N SER B 144 3.15 4.33 13.31
CA SER B 144 4.05 3.66 14.22
C SER B 144 3.78 2.17 14.33
N VAL B 145 2.69 1.68 13.77
CA VAL B 145 2.28 0.30 13.94
C VAL B 145 1.86 -0.21 12.57
N GLN B 146 2.40 -1.38 12.17
CA GLN B 146 2.08 -1.99 10.88
C GLN B 146 0.81 -2.82 11.00
N PRO B 147 -0.18 -2.60 10.15
CA PRO B 147 -1.37 -3.46 10.17
C PRO B 147 -1.04 -4.86 9.68
N GLY B 148 -1.87 -5.83 10.12
CA GLY B 148 -1.80 -7.19 9.63
C GLY B 148 -2.53 -7.35 8.31
N SER B 149 -2.37 -8.54 7.71
CA SER B 149 -2.88 -8.79 6.37
C SER B 149 -3.83 -9.96 6.27
N GLU B 150 -4.15 -10.62 7.38
CA GLU B 150 -4.97 -11.83 7.33
C GLU B 150 -6.01 -11.83 8.44
N ILE B 151 -7.19 -12.32 8.10
CA ILE B 151 -8.12 -12.86 9.11
C ILE B 151 -7.54 -14.16 9.66
N PRO B 152 -7.43 -14.32 11.00
CA PRO B 152 -6.72 -15.48 11.54
C PRO B 152 -7.53 -16.75 11.35
N SER B 153 -6.83 -17.87 11.27
CA SER B 153 -7.50 -19.15 11.24
C SER B 153 -8.02 -19.51 12.63
N ILE B 154 -9.14 -20.25 12.64
CA ILE B 154 -9.67 -20.79 13.90
C ILE B 154 -8.63 -21.70 14.54
N ILE B 155 -8.50 -21.58 15.87
CA ILE B 155 -7.62 -22.47 16.65
C ILE B 155 -8.49 -23.47 17.39
N ASN B 156 -8.12 -24.76 17.30
CA ASN B 156 -8.78 -25.82 18.07
C ASN B 156 -8.10 -25.92 19.43
N THR B 157 -8.67 -25.24 20.42
CA THR B 157 -8.12 -25.21 21.78
C THR B 157 -8.67 -26.37 22.58
N PRO B 158 -8.11 -26.62 23.78
CA PRO B 158 -8.71 -27.64 24.66
C PRO B 158 -10.17 -27.37 25.03
N VAL B 159 -10.68 -26.16 24.84
CA VAL B 159 -12.04 -25.82 25.26
C VAL B 159 -12.95 -25.43 24.10
N GLY B 160 -12.50 -25.59 22.86
CA GLY B 160 -13.33 -25.24 21.72
C GLY B 160 -12.57 -24.42 20.68
N LYS B 161 -13.30 -24.06 19.64
CA LYS B 161 -12.75 -23.32 18.51
C LYS B 161 -12.69 -21.83 18.81
N LEU B 162 -11.48 -21.26 18.74
CA LEU B 162 -11.24 -19.88 19.11
C LEU B 162 -10.93 -19.02 17.88
N GLY B 163 -11.65 -17.91 17.75
CA GLY B 163 -11.23 -16.86 16.84
C GLY B 163 -10.65 -15.72 17.64
N SER B 164 -9.41 -15.35 17.33
CA SER B 164 -8.68 -14.37 18.12
C SER B 164 -8.71 -13.02 17.40
N CYS B 165 -9.00 -11.96 18.16
CA CYS B 165 -8.94 -10.58 17.70
C CYS B 165 -8.14 -9.77 18.70
N ILE B 166 -7.88 -8.50 18.38
CA ILE B 166 -7.18 -7.60 19.30
C ILE B 166 -7.94 -6.28 19.38
N CYS B 167 -8.34 -5.90 20.60
CA CYS B 167 -8.82 -4.58 21.00
C CYS B 167 -9.65 -3.88 19.94
N TYR B 168 -9.11 -2.86 19.28
CA TYR B 168 -9.90 -2.04 18.35
C TYR B 168 -10.63 -2.88 17.30
N ASP B 169 -10.17 -4.10 17.01
CA ASP B 169 -10.92 -5.05 16.16
C ASP B 169 -12.37 -5.22 16.58
N ILE B 170 -12.66 -5.13 17.88
CA ILE B 170 -14.00 -5.41 18.39
C ILE B 170 -15.05 -4.48 17.78
N ARG B 171 -14.64 -3.30 17.31
CA ARG B 171 -15.60 -2.32 16.79
C ARG B 171 -16.09 -2.61 15.38
N PHE B 172 -15.53 -3.64 14.74
CA PHE B 172 -15.84 -3.93 13.34
C PHE B 172 -16.56 -5.27 13.26
N PRO B 173 -17.89 -5.27 13.29
CA PRO B 173 -18.62 -6.54 13.46
C PRO B 173 -18.38 -7.56 12.37
N GLU B 174 -18.02 -7.13 11.16
CA GLU B 174 -17.81 -8.08 10.07
C GLU B 174 -16.69 -9.06 10.39
N LEU B 175 -15.67 -8.60 11.11
CA LEU B 175 -14.58 -9.51 11.48
C LEU B 175 -15.10 -10.65 12.35
N SER B 176 -15.89 -10.30 13.38
CA SER B 176 -16.44 -11.31 14.30
C SER B 176 -17.38 -12.23 13.58
N LEU B 177 -18.23 -11.67 12.71
CA LEU B 177 -19.15 -12.49 11.93
C LEU B 177 -18.38 -13.46 11.03
N LYS B 178 -17.29 -12.99 10.43
CA LYS B 178 -16.49 -13.88 9.58
C LYS B 178 -15.83 -14.97 10.39
N LEU B 179 -15.29 -14.63 11.57
CA LEU B 179 -14.72 -15.67 12.43
C LEU B 179 -15.77 -16.72 12.81
N ARG B 180 -16.99 -16.28 13.17
CA ARG B 180 -18.06 -17.27 13.36
C ARG B 180 -18.21 -18.12 12.11
N SER B 181 -18.14 -17.50 10.94
CA SER B 181 -18.25 -18.24 9.68
C SER B 181 -17.20 -19.31 9.58
N LYS B 182 -15.96 -19.00 9.99
CA LYS B 182 -14.92 -20.02 9.90
C LYS B 182 -14.97 -21.07 11.01
N GLY B 183 -15.90 -20.98 11.95
CA GLY B 183 -16.13 -22.04 12.92
C GLY B 183 -15.97 -21.66 14.39
N ALA B 184 -15.78 -20.38 14.70
CA ALA B 184 -15.45 -19.99 16.06
C ALA B 184 -16.59 -20.33 17.03
N GLN B 185 -16.23 -20.95 18.14
CA GLN B 185 -17.14 -21.04 19.27
C GLN B 185 -16.85 -19.96 20.28
N ILE B 186 -15.62 -19.45 20.26
CA ILE B 186 -15.10 -18.52 21.25
C ILE B 186 -14.38 -17.39 20.51
N LEU B 187 -14.66 -16.15 20.89
CA LEU B 187 -13.92 -15.00 20.43
C LEU B 187 -13.18 -14.37 21.60
N CYS B 188 -12.00 -13.83 21.34
CA CYS B 188 -11.29 -13.07 22.38
C CYS B 188 -10.87 -11.72 21.82
N PHE B 189 -10.90 -10.70 22.70
CA PHE B 189 -10.56 -9.31 22.36
C PHE B 189 -9.63 -8.73 23.41
N PRO B 190 -8.41 -9.26 23.52
CA PRO B 190 -7.42 -8.65 24.41
C PRO B 190 -7.28 -7.16 24.12
N SER B 191 -7.32 -6.35 25.16
CA SER B 191 -7.57 -4.92 24.98
C SER B 191 -6.91 -4.12 26.08
N ALA B 192 -6.67 -2.85 25.77
CA ALA B 192 -6.41 -1.78 26.74
C ALA B 192 -7.26 -0.60 26.28
N PHE B 193 -8.31 -0.27 27.05
CA PHE B 193 -9.25 0.79 26.72
C PHE B 193 -8.99 2.00 27.61
N THR B 194 -9.22 3.20 27.04
CA THR B 194 -9.26 4.42 27.82
C THR B 194 -10.47 4.41 28.78
N MET B 195 -10.36 5.18 29.86
CA MET B 195 -11.45 5.22 30.84
C MET B 195 -12.76 5.68 30.19
N LYS B 196 -12.69 6.66 29.30
CA LYS B 196 -13.91 7.21 28.72
C LYS B 196 -14.59 6.18 27.81
N THR B 197 -13.86 5.65 26.83
CA THR B 197 -14.48 4.71 25.92
C THR B 197 -14.76 3.40 26.63
N GLY B 198 -13.93 3.02 27.60
CA GLY B 198 -14.17 1.84 28.40
C GLY B 198 -15.55 1.88 29.04
N GLU B 199 -15.84 2.95 29.80
CA GLU B 199 -17.12 3.00 30.49
C GLU B 199 -18.26 3.07 29.49
N ALA B 200 -18.07 3.82 28.40
CA ALA B 200 -19.15 3.95 27.43
C ALA B 200 -19.46 2.62 26.74
N HIS B 201 -18.43 1.86 26.33
CA HIS B 201 -18.63 0.84 25.28
C HIS B 201 -18.05 -0.54 25.54
N TRP B 202 -17.14 -0.70 26.50
CA TRP B 202 -16.47 -1.99 26.69
C TRP B 202 -17.46 -3.13 26.82
N GLU B 203 -18.35 -3.04 27.81
CA GLU B 203 -19.25 -4.16 28.08
C GLU B 203 -20.26 -4.32 26.97
N LEU B 204 -20.79 -3.19 26.49
CA LEU B 204 -21.72 -3.24 25.37
C LEU B 204 -21.10 -3.97 24.18
N LEU B 205 -19.87 -3.62 23.82
CA LEU B 205 -19.21 -4.24 22.66
C LEU B 205 -19.02 -5.75 22.88
N GLY B 206 -18.53 -6.14 24.05
CA GLY B 206 -18.38 -7.56 24.33
C GLY B 206 -19.69 -8.32 24.21
N ARG B 207 -20.75 -7.79 24.83
CA ARG B 207 -22.00 -8.53 24.81
C ARG B 207 -22.59 -8.56 23.41
N ALA B 208 -22.39 -7.49 22.64
CA ALA B 208 -22.94 -7.44 21.28
C ALA B 208 -22.28 -8.48 20.40
N ARG B 209 -20.94 -8.52 20.41
CA ARG B 209 -20.26 -9.53 19.61
C ARG B 209 -20.64 -10.93 20.07
N ALA B 210 -20.89 -11.10 21.38
CA ALA B 210 -21.33 -12.41 21.88
C ALA B 210 -22.65 -12.81 21.26
N ILE B 211 -23.66 -11.93 21.29
CA ILE B 211 -24.95 -12.40 20.81
C ILE B 211 -25.03 -12.32 19.29
N ASP B 212 -24.28 -11.40 18.65
CA ASP B 212 -24.21 -11.35 17.18
C ASP B 212 -23.82 -12.71 16.63
N THR B 213 -22.81 -13.34 17.24
CA THR B 213 -22.23 -14.59 16.73
C THR B 213 -22.56 -15.79 17.61
N GLN B 214 -23.36 -15.61 18.66
CA GLN B 214 -23.69 -16.71 19.58
C GLN B 214 -22.42 -17.42 20.06
N SER B 215 -21.47 -16.63 20.52
CA SER B 215 -20.18 -17.16 20.95
C SER B 215 -19.93 -16.77 22.41
N PHE B 216 -19.07 -17.57 23.04
CA PHE B 216 -18.39 -17.10 24.25
C PHE B 216 -17.43 -15.98 23.85
N VAL B 217 -17.39 -14.93 24.64
CA VAL B 217 -16.51 -13.81 24.35
C VAL B 217 -15.65 -13.57 25.56
N VAL B 218 -14.34 -13.69 25.37
CA VAL B 218 -13.35 -13.46 26.40
C VAL B 218 -12.85 -12.03 26.23
N MET B 219 -12.89 -11.28 27.32
CA MET B 219 -12.54 -9.85 27.31
C MET B 219 -11.38 -9.61 28.27
N PRO B 220 -10.16 -9.99 27.89
CA PRO B 220 -9.00 -9.73 28.78
C PRO B 220 -8.57 -8.28 28.62
N ALA B 221 -8.34 -7.59 29.73
CA ALA B 221 -8.10 -6.16 29.70
C ALA B 221 -6.97 -5.74 30.62
N GLN B 222 -6.13 -4.81 30.15
CA GLN B 222 -5.33 -4.01 31.08
C GLN B 222 -6.24 -3.20 31.99
N GLN B 223 -5.90 -3.13 33.27
CA GLN B 223 -6.66 -2.36 34.26
C GLN B 223 -5.70 -1.53 35.09
N GLY B 224 -5.93 -0.22 35.14
CA GLY B 224 -5.24 0.67 36.06
C GLY B 224 -4.38 1.71 35.37
N GLU B 225 -3.54 2.36 36.16
CA GLU B 225 -2.63 3.38 35.67
C GLU B 225 -1.27 2.74 35.47
N HIS B 226 -0.77 2.79 34.24
CA HIS B 226 0.45 2.08 33.88
C HIS B 226 1.68 2.87 34.30
N ASP B 227 2.68 2.17 34.82
CA ASP B 227 3.96 2.77 35.18
C ASP B 227 4.87 2.71 33.96
N VAL B 228 4.81 3.74 33.12
CA VAL B 228 5.50 3.73 31.84
C VAL B 228 6.88 4.33 31.97
N TYR B 229 7.30 4.61 33.21
CA TYR B 229 8.67 5.00 33.51
C TYR B 229 9.41 3.93 34.31
N ALA B 230 8.91 2.70 34.33
CA ALA B 230 9.46 1.66 35.21
C ALA B 230 10.73 1.02 34.66
N ASP B 231 11.01 1.20 33.37
CA ASP B 231 12.29 0.79 32.81
C ASP B 231 13.41 1.79 33.12
N GLU B 232 13.06 3.03 33.46
CA GLU B 232 14.05 4.03 33.86
C GLU B 232 14.33 3.92 35.36
N VAL B 240 3.86 11.80 30.98
CA VAL B 240 2.91 10.93 30.29
C VAL B 240 2.16 10.03 31.29
N LYS B 241 0.83 10.01 31.17
CA LYS B 241 -0.04 9.26 32.08
C LYS B 241 -0.97 8.37 31.26
N ARG B 242 -1.06 7.09 31.63
CA ARG B 242 -1.84 6.09 30.92
C ARG B 242 -2.67 5.28 31.91
N ILE B 243 -4.00 5.35 31.77
CA ILE B 243 -4.93 4.64 32.64
C ILE B 243 -5.87 3.78 31.79
N SER B 244 -5.91 2.48 32.09
CA SER B 244 -6.77 1.54 31.38
C SER B 244 -8.03 1.21 32.16
N TRP B 245 -9.17 1.16 31.45
CA TRP B 245 -10.46 0.90 32.07
C TRP B 245 -10.50 -0.45 32.79
N GLY B 246 -9.92 -1.49 32.19
CA GLY B 246 -9.97 -2.81 32.81
C GLY B 246 -11.31 -3.50 32.62
N HIS B 247 -11.88 -3.96 33.73
CA HIS B 247 -13.17 -4.66 33.74
C HIS B 247 -13.14 -5.92 32.88
N SER B 248 -12.07 -6.73 33.02
CA SER B 248 -12.02 -8.01 32.31
C SER B 248 -13.24 -8.85 32.67
N MET B 249 -13.73 -9.60 31.69
CA MET B 249 -14.95 -10.40 31.88
C MET B 249 -15.02 -11.45 30.80
N ILE B 250 -15.91 -12.42 31.03
CA ILE B 250 -16.19 -13.52 30.14
C ILE B 250 -17.70 -13.59 29.97
N ILE B 251 -18.15 -13.63 28.72
CA ILE B 251 -19.53 -13.48 28.32
C ILE B 251 -19.95 -14.73 27.56
N ASP B 252 -21.20 -15.15 27.72
CA ASP B 252 -21.69 -16.37 27.11
C ASP B 252 -22.49 -16.06 25.83
N PRO B 253 -22.83 -17.08 25.03
CA PRO B 253 -23.51 -16.83 23.74
C PRO B 253 -24.85 -16.11 23.87
N TRP B 254 -25.41 -16.02 25.05
CA TRP B 254 -26.68 -15.33 25.27
C TRP B 254 -26.46 -13.87 25.68
N GLY B 255 -25.21 -13.45 25.88
CA GLY B 255 -24.87 -12.13 26.41
C GLY B 255 -24.78 -12.04 27.92
N ARG B 256 -24.83 -13.16 28.62
CA ARG B 256 -24.74 -13.18 30.08
C ARG B 256 -23.28 -13.05 30.51
N ILE B 257 -23.02 -12.18 31.48
CA ILE B 257 -21.67 -12.09 32.02
C ILE B 257 -21.46 -13.25 32.97
N LEU B 258 -20.54 -14.15 32.62
CA LEU B 258 -20.31 -15.34 33.42
C LEU B 258 -19.40 -15.02 34.59
N SER B 259 -18.50 -14.08 34.42
CA SER B 259 -17.41 -13.86 35.36
C SER B 259 -16.79 -12.48 35.08
N ALA B 260 -16.54 -11.68 36.12
CA ALA B 260 -16.00 -10.34 35.89
C ALA B 260 -14.96 -10.00 36.94
N ALA B 261 -14.05 -9.09 36.55
CA ALA B 261 -12.95 -8.73 37.43
C ALA B 261 -13.47 -8.05 38.70
N ASP B 262 -12.76 -8.25 39.80
CA ASP B 262 -12.92 -7.39 40.97
C ASP B 262 -12.35 -6.01 40.63
N LEU B 263 -13.18 -4.99 40.76
CA LEU B 263 -12.76 -3.64 40.42
C LEU B 263 -12.09 -2.92 41.59
N THR B 264 -12.06 -3.53 42.80
CA THR B 264 -11.60 -2.95 44.06
C THR B 264 -10.11 -3.04 44.23
N THR B 265 -9.35 -3.67 43.29
CA THR B 265 -7.88 -3.81 43.41
C THR B 265 -7.34 -3.68 42.00
N HIS B 266 -6.20 -3.05 41.88
CA HIS B 266 -5.44 -3.06 40.62
C HIS B 266 -4.39 -4.16 40.62
N ASP B 267 -4.36 -4.98 41.66
CA ASP B 267 -3.44 -6.11 41.71
C ASP B 267 -3.76 -7.09 40.58
N PRO B 268 -2.76 -7.77 40.05
CA PRO B 268 -3.04 -8.82 39.08
C PRO B 268 -4.05 -9.81 39.66
N GLN B 269 -4.99 -10.23 38.83
CA GLN B 269 -6.00 -11.16 39.32
C GLN B 269 -6.34 -12.11 38.19
N LEU B 270 -6.78 -13.29 38.58
CA LEU B 270 -7.25 -14.34 37.67
C LEU B 270 -8.77 -14.35 37.71
N ILE B 271 -9.40 -14.30 36.53
CA ILE B 271 -10.85 -14.35 36.36
C ILE B 271 -11.17 -15.65 35.63
N ILE B 272 -12.11 -16.44 36.16
CA ILE B 272 -12.27 -17.82 35.69
C ILE B 272 -13.73 -18.11 35.37
N ALA B 273 -13.96 -18.94 34.36
CA ALA B 273 -15.32 -19.37 34.05
C ALA B 273 -15.27 -20.75 33.40
N ASP B 274 -16.32 -21.53 33.62
CA ASP B 274 -16.45 -22.84 33.00
C ASP B 274 -17.51 -22.70 31.93
N LEU B 275 -17.13 -22.97 30.68
CA LEU B 275 -17.98 -22.69 29.54
C LEU B 275 -18.94 -23.85 29.29
N ASP B 276 -20.23 -23.53 29.16
CA ASP B 276 -21.26 -24.55 28.94
C ASP B 276 -21.46 -24.74 27.44
N ILE B 277 -20.57 -25.57 26.86
CA ILE B 277 -20.58 -25.84 25.42
C ILE B 277 -21.92 -26.41 24.96
N GLU B 278 -22.49 -27.31 25.76
CA GLU B 278 -23.77 -27.91 25.42
C GLU B 278 -24.87 -26.86 25.33
N ALA B 279 -24.89 -25.90 26.26
CA ALA B 279 -25.88 -24.84 26.15
C ALA B 279 -25.65 -24.01 24.89
N GLN B 280 -24.39 -23.80 24.50
CA GLN B 280 -24.12 -23.08 23.26
C GLN B 280 -24.65 -23.85 22.07
N ASP B 281 -24.39 -25.16 22.02
CA ASP B 281 -24.88 -25.99 20.93
C ASP B 281 -26.39 -25.81 20.74
N LYS B 282 -27.13 -25.76 21.86
CA LYS B 282 -28.58 -25.66 21.78
C LYS B 282 -29.02 -24.29 21.29
N ILE B 283 -28.38 -23.23 21.80
CA ILE B 283 -28.69 -21.87 21.33
C ILE B 283 -28.46 -21.78 19.83
N ARG B 284 -27.32 -22.27 19.35
CA ARG B 284 -27.00 -22.16 17.94
C ARG B 284 -27.92 -23.01 17.08
N ARG B 285 -28.40 -24.15 17.60
CA ARG B 285 -29.36 -24.96 16.84
C ARG B 285 -30.70 -24.25 16.76
N ASP B 286 -31.16 -23.71 17.88
CA ASP B 286 -32.52 -23.24 18.01
C ASP B 286 -32.74 -21.84 17.43
N MET B 287 -31.69 -21.06 17.18
CA MET B 287 -31.79 -19.78 16.46
C MET B 287 -30.69 -19.74 15.41
N PRO B 288 -30.89 -20.37 14.27
CA PRO B 288 -29.78 -20.60 13.32
C PRO B 288 -29.51 -19.37 12.47
N LEU B 289 -28.96 -18.35 13.11
CA LEU B 289 -28.75 -17.05 12.46
C LEU B 289 -27.91 -17.19 11.20
N TRP B 290 -27.03 -18.16 11.17
CA TRP B 290 -26.14 -18.29 10.04
C TRP B 290 -26.78 -19.02 8.84
N ALA B 291 -27.88 -19.74 9.07
CA ALA B 291 -28.72 -20.26 8.00
C ALA B 291 -29.73 -19.25 7.50
N GLN B 292 -29.98 -18.17 8.24
CA GLN B 292 -31.05 -17.23 7.93
C GLN B 292 -30.54 -15.98 7.21
N ARG B 293 -29.24 -15.86 6.98
CA ARG B 293 -28.73 -14.66 6.35
C ARG B 293 -29.19 -14.59 4.89
N ARG B 294 -29.16 -13.38 4.35
CA ARG B 294 -29.59 -13.10 2.98
C ARG B 294 -28.32 -13.01 2.13
N ARG B 295 -27.76 -14.19 1.83
CA ARG B 295 -26.57 -14.23 1.00
C ARG B 295 -26.90 -13.87 -0.44
N ASP B 296 -28.15 -14.07 -0.87
CA ASP B 296 -28.61 -13.53 -2.15
C ASP B 296 -28.54 -12.01 -2.18
N ILE B 297 -28.51 -11.34 -1.04
CA ILE B 297 -28.37 -9.89 -0.99
C ILE B 297 -26.95 -9.47 -0.61
N PHE B 298 -26.33 -10.17 0.35
CA PHE B 298 -25.04 -9.75 0.88
C PHE B 298 -23.87 -10.55 0.33
N GLY B 299 -24.12 -11.58 -0.47
CA GLY B 299 -22.98 -12.39 -0.89
C GLY B 299 -22.52 -13.30 0.25
N ASP B 300 -21.20 -13.56 0.29
CA ASP B 300 -20.66 -14.43 1.33
C ASP B 300 -19.22 -14.01 1.66
N PHE B 301 -19.11 -12.91 2.40
CA PHE B 301 -17.94 -12.67 3.24
C PHE B 301 -16.63 -12.57 2.45
N ASN C 2 -25.37 12.60 -39.34
CA ASN C 2 -26.00 11.71 -38.36
C ASN C 2 -25.32 10.34 -38.32
N VAL C 3 -24.42 10.09 -39.27
CA VAL C 3 -23.72 8.82 -39.31
C VAL C 3 -22.75 8.71 -38.13
N ALA C 4 -22.68 7.52 -37.52
CA ALA C 4 -21.79 7.30 -36.38
C ALA C 4 -20.44 6.82 -36.90
N ARG C 5 -19.68 7.78 -37.44
CA ARG C 5 -18.38 7.54 -38.06
C ARG C 5 -17.28 7.69 -37.04
N ILE C 6 -16.39 6.69 -36.95
CA ILE C 6 -15.20 6.80 -36.12
C ILE C 6 -13.97 6.49 -36.96
N GLY C 7 -12.81 6.87 -36.42
CA GLY C 7 -11.55 6.65 -37.09
C GLY C 7 -10.45 6.30 -36.10
N ILE C 8 -9.43 5.63 -36.64
CA ILE C 8 -8.18 5.35 -35.94
C ILE C 8 -7.05 6.08 -36.64
N GLY C 9 -6.22 6.74 -35.86
CA GLY C 9 -5.01 7.29 -36.42
C GLY C 9 -3.83 6.40 -36.15
N GLN C 10 -3.45 5.57 -37.13
CA GLN C 10 -2.31 4.67 -36.97
C GLN C 10 -1.04 5.39 -37.37
N LEU C 11 0.02 5.19 -36.60
CA LEU C 11 1.28 5.89 -36.80
C LEU C 11 2.37 5.08 -36.11
N CYS C 12 3.60 5.60 -36.18
CA CYS C 12 4.76 4.96 -35.57
C CYS C 12 5.53 6.04 -34.82
N SER C 13 5.13 6.29 -33.58
CA SER C 13 5.68 7.40 -32.81
C SER C 13 7.18 7.22 -32.59
N SER C 14 7.93 8.30 -32.80
CA SER C 14 9.37 8.34 -32.54
C SER C 14 9.59 8.85 -31.11
N SER C 15 10.85 9.08 -30.74
CA SER C 15 11.16 9.73 -29.47
C SER C 15 11.18 11.25 -29.57
N ASN C 16 10.66 11.80 -30.67
CA ASN C 16 10.60 13.24 -30.92
C ASN C 16 9.14 13.68 -30.78
N LEU C 17 8.77 14.15 -29.58
CA LEU C 17 7.38 14.52 -29.29
C LEU C 17 6.81 15.52 -30.29
N LYS C 18 7.65 16.34 -30.93
CA LYS C 18 7.15 17.39 -31.81
C LYS C 18 6.86 16.89 -33.22
N GLN C 19 7.73 16.03 -33.76
CA GLN C 19 7.37 15.35 -35.01
C GLN C 19 6.09 14.55 -34.83
N ASN C 20 6.01 13.81 -33.71
CA ASN C 20 4.81 13.02 -33.45
C ASN C 20 3.56 13.90 -33.44
N LEU C 21 3.64 15.08 -32.80
CA LEU C 21 2.49 15.98 -32.76
C LEU C 21 2.10 16.44 -34.15
N GLU C 22 3.06 16.62 -35.04
CA GLU C 22 2.73 17.01 -36.40
C GLU C 22 1.96 15.90 -37.12
N VAL C 23 2.33 14.63 -36.90
CA VAL C 23 1.58 13.55 -37.53
C VAL C 23 0.16 13.49 -36.95
N VAL C 24 0.03 13.64 -35.63
CA VAL C 24 -1.30 13.64 -35.01
C VAL C 24 -2.18 14.74 -35.61
N LYS C 25 -1.67 15.98 -35.65
CA LYS C 25 -2.40 17.10 -36.25
C LYS C 25 -2.76 16.78 -37.69
N SER C 26 -1.80 16.24 -38.44
CA SER C 26 -2.04 15.86 -39.83
C SER C 26 -3.17 14.84 -39.93
N LEU C 27 -3.20 13.87 -39.00
CA LEU C 27 -4.26 12.85 -39.03
C LEU C 27 -5.61 13.43 -38.62
N ILE C 28 -5.62 14.31 -37.61
CA ILE C 28 -6.86 14.98 -37.25
C ILE C 28 -7.40 15.76 -38.44
N LYS C 29 -6.50 16.42 -39.19
CA LYS C 29 -7.01 17.16 -40.34
C LYS C 29 -7.46 16.24 -41.47
N LYS C 30 -6.99 14.99 -41.52
CA LYS C 30 -7.60 14.06 -42.47
C LYS C 30 -8.96 13.59 -41.97
N ALA C 31 -9.13 13.49 -40.65
CA ALA C 31 -10.36 12.93 -40.12
C ALA C 31 -11.55 13.87 -40.28
N LEU C 32 -11.36 15.15 -39.99
CA LEU C 32 -12.44 16.13 -40.19
C LEU C 32 -12.93 16.12 -41.64
N ASP C 33 -12.01 16.09 -42.60
CA ASP C 33 -12.39 16.03 -44.02
C ASP C 33 -13.26 14.84 -44.31
N GLN C 34 -13.00 13.72 -43.64
CA GLN C 34 -13.82 12.53 -43.77
C GLN C 34 -15.00 12.53 -42.83
N ASP C 35 -15.24 13.64 -42.12
CA ASP C 35 -16.38 13.77 -41.21
C ASP C 35 -16.34 12.69 -40.11
N VAL C 36 -15.14 12.42 -39.60
CA VAL C 36 -15.00 11.51 -38.48
C VAL C 36 -15.43 12.24 -37.21
N LYS C 37 -16.30 11.60 -36.43
CA LYS C 37 -16.75 12.22 -35.19
C LYS C 37 -15.82 11.96 -34.01
N VAL C 38 -15.16 10.80 -33.94
CA VAL C 38 -14.25 10.48 -32.85
C VAL C 38 -13.03 9.77 -33.44
N LEU C 39 -11.84 10.29 -33.15
CA LEU C 39 -10.58 9.80 -33.69
C LEU C 39 -9.75 9.21 -32.55
N PHE C 40 -9.37 7.94 -32.71
CA PHE C 40 -8.63 7.18 -31.70
C PHE C 40 -7.18 7.04 -32.12
N PHE C 41 -6.27 7.36 -31.20
CA PHE C 41 -4.84 7.21 -31.41
C PHE C 41 -4.29 6.15 -30.46
N PRO C 42 -3.14 5.55 -30.77
CA PRO C 42 -2.63 4.44 -29.95
C PRO C 42 -2.06 4.88 -28.62
N GLU C 43 -1.70 3.87 -27.83
CA GLU C 43 -0.85 4.05 -26.67
C GLU C 43 0.47 4.68 -27.09
N ALA C 44 1.01 5.53 -26.20
CA ALA C 44 2.35 6.11 -26.36
C ALA C 44 2.44 6.95 -27.64
N THR C 45 1.36 7.63 -27.99
CA THR C 45 1.39 8.45 -29.20
C THR C 45 2.44 9.56 -29.08
N ASP C 46 2.58 10.15 -27.89
CA ASP C 46 3.53 11.25 -27.73
C ASP C 46 4.95 10.80 -28.02
N TYR C 47 5.35 9.64 -27.48
CA TYR C 47 6.69 9.13 -27.76
C TYR C 47 6.77 7.65 -27.39
N LEU C 48 7.74 6.98 -27.99
CA LEU C 48 8.32 5.75 -27.49
C LEU C 48 9.77 6.02 -27.10
N SER C 49 10.20 5.41 -26.00
CA SER C 49 11.51 5.66 -25.41
C SER C 49 12.44 4.46 -25.61
N ARG C 50 13.71 4.66 -25.26
CA ARG C 50 14.71 3.59 -25.30
C ARG C 50 14.74 2.79 -24.02
N ASN C 51 14.50 3.41 -22.87
CA ASN C 51 14.48 2.70 -21.59
C ASN C 51 13.67 3.53 -20.59
N ALA C 52 13.58 3.00 -19.36
CA ALA C 52 12.75 3.64 -18.34
C ALA C 52 13.21 5.06 -18.05
N GLU C 53 14.52 5.29 -18.06
CA GLU C 53 14.98 6.63 -17.70
C GLU C 53 14.83 7.59 -18.88
N HIS C 54 15.03 7.11 -20.10
CA HIS C 54 14.76 7.94 -21.27
C HIS C 54 13.30 8.39 -21.27
N SER C 55 12.39 7.54 -20.81
CA SER C 55 10.98 7.90 -20.82
C SER C 55 10.64 8.85 -19.67
N LYS C 56 11.34 8.75 -18.54
CA LYS C 56 11.18 9.76 -17.50
C LYS C 56 11.62 11.12 -18.01
N LYS C 57 12.69 11.17 -18.81
CA LYS C 57 13.12 12.44 -19.38
C LYS C 57 12.07 12.99 -20.35
N LEU C 58 11.61 12.15 -21.29
CA LEU C 58 10.67 12.62 -22.31
C LEU C 58 9.31 12.98 -21.72
N ALA C 59 8.95 12.38 -20.59
CA ALA C 59 7.63 12.62 -20.02
C ALA C 59 7.45 14.05 -19.54
N SER C 60 8.55 14.74 -19.23
CA SER C 60 8.46 16.14 -18.83
C SER C 60 7.97 17.03 -19.97
N GLN C 61 8.22 16.63 -21.23
CA GLN C 61 7.79 17.43 -22.38
C GLN C 61 6.33 17.22 -22.74
N THR C 62 5.65 16.27 -22.11
CA THR C 62 4.32 15.87 -22.52
C THR C 62 3.26 16.91 -22.16
N PRO C 63 3.28 17.52 -20.96
CA PRO C 63 2.26 18.55 -20.67
C PRO C 63 2.23 19.64 -21.72
N GLU C 64 3.40 20.02 -22.25
CA GLU C 64 3.44 20.95 -23.37
C GLU C 64 2.80 20.33 -24.60
N PHE C 65 3.11 19.05 -24.87
CA PHE C 65 2.51 18.33 -25.97
C PHE C 65 0.98 18.37 -25.90
N ILE C 66 0.42 18.06 -24.73
CA ILE C 66 -1.03 18.08 -24.56
C ILE C 66 -1.56 19.49 -24.79
N SER C 67 -0.94 20.48 -24.16
CA SER C 67 -1.43 21.85 -24.27
C SER C 67 -1.45 22.29 -25.73
N GLU C 68 -0.36 22.07 -26.45
CA GLU C 68 -0.33 22.46 -27.85
C GLU C 68 -1.25 21.60 -28.70
N LEU C 69 -1.57 20.38 -28.26
CA LEU C 69 -2.57 19.59 -29.00
C LEU C 69 -3.97 20.11 -28.72
N GLN C 70 -4.23 20.57 -27.51
CA GLN C 70 -5.50 21.22 -27.21
C GLN C 70 -5.74 22.44 -28.11
N SER C 71 -4.71 23.27 -28.32
CA SER C 71 -4.89 24.41 -29.21
C SER C 71 -5.15 23.94 -30.64
N ALA C 72 -4.37 22.95 -31.10
CA ALA C 72 -4.52 22.50 -32.49
C ALA C 72 -5.92 21.99 -32.77
N ILE C 73 -6.56 21.34 -31.80
CA ILE C 73 -7.89 20.80 -32.04
C ILE C 73 -8.90 21.92 -32.28
N CYS C 74 -8.86 22.99 -31.47
CA CYS C 74 -9.78 24.10 -31.71
C CYS C 74 -9.46 24.82 -33.01
N GLN C 75 -8.18 25.07 -33.28
CA GLN C 75 -7.83 25.70 -34.55
C GLN C 75 -8.31 24.86 -35.72
N LEU C 76 -8.10 23.55 -35.67
CA LEU C 76 -8.46 22.72 -36.81
C LEU C 76 -9.97 22.50 -36.92
N THR C 77 -10.68 22.40 -35.79
CA THR C 77 -12.14 22.22 -35.90
C THR C 77 -12.81 23.51 -36.35
N LYS C 78 -12.29 24.66 -35.92
CA LYS C 78 -12.91 25.91 -36.34
C LYS C 78 -12.65 26.18 -37.82
N ALA C 79 -11.43 25.92 -38.29
CA ALA C 79 -11.16 26.01 -39.72
C ALA C 79 -12.13 25.14 -40.51
N ALA C 80 -12.26 23.86 -40.11
CA ALA C 80 -13.14 22.93 -40.80
C ALA C 80 -14.62 23.23 -40.55
N GLY C 81 -14.95 23.89 -39.46
CA GLY C 81 -16.34 24.18 -39.15
C GLY C 81 -17.14 23.00 -38.65
N LYS C 82 -16.48 21.97 -38.14
CA LYS C 82 -17.14 20.78 -37.61
C LYS C 82 -16.38 20.27 -36.40
N PRO C 83 -17.07 19.64 -35.45
CA PRO C 83 -16.39 19.14 -34.26
C PRO C 83 -15.73 17.78 -34.50
N ILE C 84 -14.74 17.49 -33.66
CA ILE C 84 -14.20 16.14 -33.54
C ILE C 84 -13.68 15.94 -32.12
N ASP C 85 -13.83 14.74 -31.60
CA ASP C 85 -13.23 14.36 -30.33
C ASP C 85 -12.03 13.44 -30.55
N ILE C 86 -11.05 13.55 -29.65
CA ILE C 86 -9.79 12.82 -29.74
C ILE C 86 -9.63 11.95 -28.50
N SER C 87 -9.29 10.68 -28.71
CA SER C 87 -8.83 9.77 -27.66
C SER C 87 -7.39 9.40 -27.96
N ILE C 88 -6.48 9.69 -27.04
CA ILE C 88 -5.04 9.61 -27.34
C ILE C 88 -4.27 9.12 -26.12
N GLY C 89 -3.40 8.14 -26.33
CA GLY C 89 -2.55 7.62 -25.26
C GLY C 89 -1.24 8.38 -25.18
N ILE C 90 -0.89 8.80 -23.96
CA ILE C 90 0.34 9.57 -23.71
C ILE C 90 0.97 9.09 -22.41
N HIS C 91 2.15 9.63 -22.11
CA HIS C 91 2.81 9.41 -20.82
C HIS C 91 2.69 10.65 -19.96
N MET C 92 2.37 10.46 -18.68
CA MET C 92 2.33 11.59 -17.76
C MET C 92 3.51 11.55 -16.80
N PRO C 93 4.21 12.66 -16.60
CA PRO C 93 5.29 12.70 -15.58
C PRO C 93 4.71 12.67 -14.18
N PRO C 94 5.52 12.38 -13.17
CA PRO C 94 4.99 12.33 -11.79
C PRO C 94 4.55 13.70 -11.32
N SER C 95 3.38 13.74 -10.68
CA SER C 95 2.87 14.92 -9.98
C SER C 95 3.90 15.46 -9.01
N GLU C 96 3.80 16.73 -8.63
CA GLU C 96 4.68 17.27 -7.59
C GLU C 96 4.57 16.45 -6.31
N VAL C 97 3.34 16.10 -5.91
CA VAL C 97 3.14 15.23 -4.76
C VAL C 97 3.89 13.90 -4.93
N ASN C 98 4.03 13.43 -6.18
CA ASN C 98 4.67 12.14 -6.40
C ASN C 98 6.14 12.15 -5.98
N THR C 99 6.90 13.18 -6.39
CA THR C 99 8.32 13.23 -5.97
C THR C 99 8.45 13.42 -4.48
N LYS C 100 7.64 14.32 -3.89
CA LYS C 100 7.68 14.52 -2.45
C LYS C 100 7.39 13.25 -1.66
N ASN C 101 6.95 12.18 -2.32
CA ASN C 101 6.80 10.88 -1.69
C ASN C 101 7.67 9.81 -2.32
N GLY C 102 8.59 10.20 -3.21
CA GLY C 102 9.54 9.27 -3.79
C GLY C 102 9.08 8.53 -5.02
N ASP C 103 8.02 8.99 -5.69
CA ASP C 103 7.47 8.32 -6.87
C ASP C 103 7.88 9.10 -8.11
N SER C 104 8.92 8.62 -8.79
CA SER C 104 9.41 9.22 -10.02
C SER C 104 8.87 8.52 -11.27
N ARG C 105 7.93 7.58 -11.10
CA ARG C 105 7.45 6.79 -12.23
C ARG C 105 6.56 7.62 -13.15
N VAL C 106 6.66 7.35 -14.45
CA VAL C 106 5.75 7.98 -15.40
C VAL C 106 4.40 7.29 -15.28
N LYS C 107 3.38 7.86 -15.91
CA LYS C 107 2.03 7.32 -15.87
C LYS C 107 1.55 7.09 -17.30
N ASN C 108 0.96 5.93 -17.55
CA ASN C 108 0.42 5.55 -18.85
C ASN C 108 -1.04 5.98 -18.88
N VAL C 109 -1.34 7.04 -19.62
CA VAL C 109 -2.60 7.76 -19.47
C VAL C 109 -3.30 7.88 -20.82
N LEU C 110 -4.61 7.69 -20.81
CA LEU C 110 -5.43 7.85 -22.00
C LEU C 110 -6.30 9.09 -21.82
N LEU C 111 -6.13 10.06 -22.72
CA LEU C 111 -6.93 11.28 -22.70
C LEU C 111 -8.09 11.16 -23.65
N TYR C 112 -9.26 11.65 -23.22
CA TYR C 112 -10.36 11.96 -24.11
C TYR C 112 -10.54 13.47 -24.13
N ILE C 113 -10.42 14.06 -25.33
CA ILE C 113 -10.42 15.51 -25.55
C ILE C 113 -11.55 15.86 -26.51
N ASN C 114 -12.39 16.83 -26.14
CA ASN C 114 -13.52 17.20 -26.99
C ASN C 114 -13.10 18.23 -28.03
N SER C 115 -14.06 18.63 -28.88
CA SER C 115 -13.74 19.52 -29.99
C SER C 115 -13.34 20.93 -29.53
N ASN C 116 -13.64 21.29 -28.28
CA ASN C 116 -13.18 22.56 -27.71
C ASN C 116 -11.92 22.39 -26.86
N GLY C 117 -11.17 21.29 -27.05
CA GLY C 117 -9.92 21.14 -26.37
C GLY C 117 -10.00 20.82 -24.89
N GLU C 118 -11.20 20.52 -24.37
CA GLU C 118 -11.35 20.17 -22.96
C GLU C 118 -11.08 18.69 -22.72
N ILE C 119 -10.16 18.38 -21.82
CA ILE C 119 -9.91 17.01 -21.40
C ILE C 119 -11.08 16.57 -20.52
N LEU C 120 -11.87 15.63 -21.02
CA LEU C 120 -12.98 15.09 -20.24
C LEU C 120 -12.58 13.88 -19.41
N GLN C 121 -11.41 13.29 -19.65
CA GLN C 121 -11.01 12.07 -18.92
C GLN C 121 -9.52 11.83 -19.06
N LYS C 122 -8.92 11.31 -18.00
CA LYS C 122 -7.54 10.83 -17.99
C LYS C 122 -7.59 9.43 -17.37
N TYR C 123 -7.64 8.39 -18.19
CA TYR C 123 -7.62 7.03 -17.67
C TYR C 123 -6.17 6.59 -17.52
N GLN C 124 -5.80 6.20 -16.30
CA GLN C 124 -4.47 5.69 -16.02
C GLN C 124 -4.52 4.17 -16.08
N LYS C 125 -3.68 3.58 -16.93
CA LYS C 125 -3.72 2.14 -17.18
C LYS C 125 -3.69 1.33 -15.90
N LEU C 126 -4.61 0.37 -15.82
CA LEU C 126 -4.81 -0.43 -14.61
C LEU C 126 -3.88 -1.64 -14.51
N HIS C 127 -3.49 -2.25 -15.63
CA HIS C 127 -2.77 -3.51 -15.63
C HIS C 127 -1.38 -3.34 -16.20
N LEU C 128 -0.38 -3.87 -15.51
CA LEU C 128 1.01 -3.74 -15.91
C LEU C 128 1.63 -5.11 -16.05
N PHE C 129 2.68 -5.19 -16.86
CA PHE C 129 3.41 -6.44 -17.05
C PHE C 129 4.56 -6.51 -16.04
N ASP C 130 4.33 -7.19 -14.93
CA ASP C 130 5.39 -7.57 -13.99
C ASP C 130 5.58 -9.08 -14.05
N VAL C 131 6.82 -9.51 -14.20
CA VAL C 131 7.16 -10.92 -14.08
C VAL C 131 8.43 -11.03 -13.25
N ASP C 132 8.56 -12.13 -12.48
CA ASP C 132 9.66 -12.35 -11.55
C ASP C 132 9.89 -13.87 -11.39
N VAL C 133 10.40 -14.50 -12.44
CA VAL C 133 10.65 -15.93 -12.44
C VAL C 133 12.07 -16.18 -11.96
N PRO C 134 12.27 -17.05 -10.93
CA PRO C 134 13.61 -17.27 -10.36
C PRO C 134 14.78 -17.24 -11.34
N ASN C 135 15.08 -18.28 -12.09
CA ASN C 135 16.17 -18.12 -13.05
C ASN C 135 15.67 -17.71 -14.42
N GLY C 136 14.53 -17.03 -14.49
CA GLY C 136 13.88 -16.77 -15.75
C GLY C 136 13.52 -15.31 -15.89
N PRO C 137 12.46 -15.01 -16.65
CA PRO C 137 12.15 -13.61 -17.00
C PRO C 137 11.84 -12.77 -15.77
N ILE C 138 12.60 -11.69 -15.61
CA ILE C 138 12.38 -10.73 -14.53
C ILE C 138 12.32 -9.34 -15.15
N LEU C 139 11.10 -8.80 -15.27
CA LEU C 139 10.88 -7.42 -15.70
C LEU C 139 9.64 -6.89 -15.02
N LYS C 140 9.75 -5.71 -14.43
CA LYS C 140 8.68 -5.10 -13.66
C LYS C 140 8.37 -3.73 -14.27
N GLU C 141 7.25 -3.66 -14.99
CA GLU C 141 6.79 -2.37 -15.50
C GLU C 141 6.45 -1.43 -14.34
N SER C 142 6.01 -1.98 -13.21
CA SER C 142 5.66 -1.19 -12.04
C SER C 142 6.87 -0.56 -11.37
N ASN C 143 8.09 -0.99 -11.72
CA ASN C 143 9.28 -0.28 -11.28
C ASN C 143 9.31 1.13 -11.84
N SER C 144 8.93 1.28 -13.11
CA SER C 144 9.00 2.57 -13.78
C SER C 144 7.65 3.19 -14.09
N VAL C 145 6.54 2.47 -13.92
CA VAL C 145 5.23 2.97 -14.31
C VAL C 145 4.27 2.78 -13.15
N GLN C 146 3.53 3.84 -12.82
CA GLN C 146 2.63 3.82 -11.69
C GLN C 146 1.28 3.25 -12.11
N PRO C 147 0.80 2.17 -11.51
CA PRO C 147 -0.54 1.67 -11.84
C PRO C 147 -1.62 2.68 -11.48
N GLY C 148 -2.66 2.73 -12.30
CA GLY C 148 -3.83 3.52 -12.00
C GLY C 148 -4.62 2.90 -10.87
N SER C 149 -5.66 3.61 -10.44
CA SER C 149 -6.44 3.19 -9.30
C SER C 149 -7.93 3.07 -9.57
N GLU C 150 -8.40 3.36 -10.76
CA GLU C 150 -9.85 3.38 -10.98
C GLU C 150 -10.23 2.74 -12.30
N ILE C 151 -11.34 2.03 -12.30
CA ILE C 151 -12.07 1.67 -13.49
C ILE C 151 -12.64 2.97 -14.07
N PRO C 152 -12.36 3.30 -15.31
CA PRO C 152 -12.81 4.59 -15.84
C PRO C 152 -14.31 4.65 -15.98
N SER C 153 -14.85 5.86 -15.87
CA SER C 153 -16.28 6.06 -16.08
C SER C 153 -16.59 6.02 -17.57
N ILE C 154 -17.82 5.60 -17.90
CA ILE C 154 -18.30 5.65 -19.28
C ILE C 154 -18.35 7.07 -19.79
N ILE C 155 -17.92 7.29 -21.02
CA ILE C 155 -17.97 8.60 -21.68
C ILE C 155 -19.13 8.60 -22.68
N ASN C 156 -19.91 9.68 -22.67
CA ASN C 156 -20.95 9.86 -23.68
C ASN C 156 -20.33 10.59 -24.86
N THR C 157 -19.84 9.83 -25.83
CA THR C 157 -19.26 10.43 -27.02
C THR C 157 -20.34 10.74 -28.03
N PRO C 158 -20.01 11.51 -29.08
CA PRO C 158 -20.96 11.72 -30.18
C PRO C 158 -21.44 10.43 -30.86
N VAL C 159 -20.74 9.31 -30.69
CA VAL C 159 -21.16 8.05 -31.33
C VAL C 159 -21.66 7.04 -30.33
N GLY C 160 -21.71 7.35 -29.04
CA GLY C 160 -22.21 6.42 -28.05
C GLY C 160 -21.29 6.30 -26.86
N LYS C 161 -21.65 5.36 -25.98
CA LYS C 161 -21.01 5.18 -24.69
C LYS C 161 -19.71 4.37 -24.82
N LEU C 162 -18.61 5.00 -24.41
CA LEU C 162 -17.26 4.46 -24.58
C LEU C 162 -16.64 4.05 -23.25
N GLY C 163 -16.18 2.84 -23.16
CA GLY C 163 -15.33 2.39 -22.05
C GLY C 163 -13.89 2.32 -22.54
N SER C 164 -13.02 3.10 -21.89
CA SER C 164 -11.65 3.27 -22.37
C SER C 164 -10.67 2.39 -21.60
N CYS C 165 -9.78 1.72 -22.33
CA CYS C 165 -8.70 0.92 -21.75
C CYS C 165 -7.40 1.23 -22.47
N ILE C 166 -6.29 0.67 -21.98
CA ILE C 166 -5.00 0.80 -22.64
C ILE C 166 -4.33 -0.56 -22.74
N CYS C 167 -4.08 -0.99 -23.98
CA CYS C 167 -3.16 -2.09 -24.28
C CYS C 167 -3.32 -3.33 -23.40
N TYR C 168 -2.40 -3.51 -22.46
CA TYR C 168 -2.34 -4.74 -21.68
C TYR C 168 -3.64 -5.01 -20.91
N ASP C 169 -4.45 -3.99 -20.67
CA ASP C 169 -5.78 -4.17 -20.10
C ASP C 169 -6.61 -5.19 -20.90
N ILE C 170 -6.37 -5.30 -22.20
CA ILE C 170 -7.18 -6.16 -23.06
C ILE C 170 -7.18 -7.61 -22.59
N ARG C 171 -6.11 -8.05 -21.94
CA ARG C 171 -5.97 -9.44 -21.56
C ARG C 171 -6.78 -9.84 -20.32
N PHE C 172 -7.42 -8.89 -19.67
CA PHE C 172 -8.12 -9.15 -18.41
C PHE C 172 -9.62 -8.96 -18.64
N PRO C 173 -10.36 -10.03 -18.92
CA PRO C 173 -11.74 -9.87 -19.41
C PRO C 173 -12.65 -9.16 -18.43
N GLU C 174 -12.49 -9.41 -17.13
CA GLU C 174 -13.36 -8.78 -16.13
C GLU C 174 -13.37 -7.25 -16.28
N LEU C 175 -12.27 -6.64 -16.71
CA LEU C 175 -12.31 -5.19 -16.91
C LEU C 175 -13.29 -4.81 -18.01
N SER C 176 -13.25 -5.54 -19.13
CA SER C 176 -14.16 -5.30 -20.24
C SER C 176 -15.59 -5.61 -19.84
N LEU C 177 -15.78 -6.74 -19.15
CA LEU C 177 -17.11 -7.12 -18.69
C LEU C 177 -17.69 -6.06 -17.78
N LYS C 178 -16.83 -5.47 -16.94
CA LYS C 178 -17.28 -4.46 -16.00
C LYS C 178 -17.67 -3.19 -16.73
N LEU C 179 -16.93 -2.81 -17.78
CA LEU C 179 -17.29 -1.62 -18.55
C LEU C 179 -18.64 -1.79 -19.21
N ARG C 180 -18.94 -3.00 -19.72
CA ARG C 180 -20.27 -3.26 -20.27
C ARG C 180 -21.34 -3.10 -19.21
N SER C 181 -21.11 -3.64 -18.01
CA SER C 181 -22.06 -3.53 -16.91
C SER C 181 -22.44 -2.09 -16.64
N LYS C 182 -21.44 -1.19 -16.64
CA LYS C 182 -21.66 0.25 -16.53
C LYS C 182 -22.18 0.90 -17.81
N GLY C 183 -22.54 0.13 -18.85
CA GLY C 183 -23.24 0.67 -20.00
C GLY C 183 -22.45 0.91 -21.28
N ALA C 184 -21.18 0.52 -21.35
CA ALA C 184 -20.40 0.74 -22.57
C ALA C 184 -21.11 0.16 -23.80
N GLN C 185 -21.14 0.95 -24.86
CA GLN C 185 -21.45 0.42 -26.18
C GLN C 185 -20.21 0.18 -27.03
N ILE C 186 -19.10 0.83 -26.65
CA ILE C 186 -17.85 0.83 -27.42
C ILE C 186 -16.71 0.67 -26.42
N LEU C 187 -15.71 -0.13 -26.80
CA LEU C 187 -14.47 -0.25 -26.05
C LEU C 187 -13.31 0.12 -26.96
N CYS C 188 -12.28 0.72 -26.39
CA CYS C 188 -11.07 1.00 -27.16
C CYS C 188 -9.87 0.42 -26.42
N PHE C 189 -8.87 -0.02 -27.19
CA PHE C 189 -7.64 -0.60 -26.64
C PHE C 189 -6.43 -0.05 -27.38
N PRO C 190 -6.18 1.25 -27.27
CA PRO C 190 -4.96 1.80 -27.88
C PRO C 190 -3.73 1.07 -27.34
N SER C 191 -2.80 0.75 -28.25
CA SER C 191 -1.80 -0.26 -27.90
C SER C 191 -0.54 -0.11 -28.73
N ALA C 192 0.50 -0.76 -28.24
CA ALA C 192 1.69 -1.09 -29.03
C ALA C 192 2.05 -2.53 -28.65
N PHE C 193 1.91 -3.46 -29.58
CA PHE C 193 2.21 -4.87 -29.37
C PHE C 193 3.50 -5.24 -30.12
N THR C 194 4.27 -6.16 -29.55
CA THR C 194 5.40 -6.72 -30.29
C THR C 194 4.90 -7.54 -31.49
N MET C 195 5.84 -7.89 -32.37
CA MET C 195 5.50 -8.67 -33.56
C MET C 195 5.00 -10.05 -33.20
N LYS C 196 5.69 -10.69 -32.26
CA LYS C 196 5.37 -12.05 -31.86
C LYS C 196 4.00 -12.16 -31.18
N THR C 197 3.77 -11.32 -30.16
CA THR C 197 2.50 -11.40 -29.46
C THR C 197 1.40 -10.71 -30.26
N GLY C 198 1.77 -9.73 -31.09
CA GLY C 198 0.81 -9.15 -32.02
C GLY C 198 0.24 -10.18 -32.97
N GLU C 199 1.11 -10.92 -33.66
CA GLU C 199 0.61 -11.91 -34.60
C GLU C 199 -0.21 -12.98 -33.90
N ALA C 200 0.22 -13.41 -32.72
CA ALA C 200 -0.49 -14.48 -32.04
C ALA C 200 -1.89 -14.04 -31.62
N HIS C 201 -2.01 -12.87 -30.99
CA HIS C 201 -3.19 -12.61 -30.16
C HIS C 201 -3.94 -11.32 -30.41
N TRP C 202 -3.37 -10.37 -31.16
CA TRP C 202 -3.98 -9.04 -31.31
C TRP C 202 -5.41 -9.15 -31.83
N GLU C 203 -5.59 -9.78 -32.99
CA GLU C 203 -6.94 -9.83 -33.57
C GLU C 203 -7.85 -10.71 -32.72
N LEU C 204 -7.30 -11.77 -32.15
CA LEU C 204 -8.09 -12.66 -31.29
C LEU C 204 -8.61 -11.92 -30.05
N LEU C 205 -7.72 -11.21 -29.37
CA LEU C 205 -8.13 -10.46 -28.18
C LEU C 205 -9.22 -9.44 -28.52
N GLY C 206 -9.05 -8.70 -29.62
CA GLY C 206 -10.04 -7.70 -29.97
C GLY C 206 -11.40 -8.30 -30.26
N ARG C 207 -11.43 -9.36 -31.06
CA ARG C 207 -12.70 -9.99 -31.41
C ARG C 207 -13.32 -10.65 -30.18
N ALA C 208 -12.48 -11.21 -29.29
CA ALA C 208 -12.99 -11.85 -28.07
C ALA C 208 -13.69 -10.83 -27.17
N ARG C 209 -13.02 -9.70 -26.91
CA ARG C 209 -13.66 -8.66 -26.14
C ARG C 209 -14.92 -8.17 -26.83
N ALA C 210 -14.92 -8.12 -28.16
CA ALA C 210 -16.11 -7.63 -28.87
C ALA C 210 -17.29 -8.55 -28.63
N ILE C 211 -17.08 -9.85 -28.74
CA ILE C 211 -18.23 -10.74 -28.59
C ILE C 211 -18.53 -11.03 -27.12
N ASP C 212 -17.52 -10.96 -26.22
CA ASP C 212 -17.77 -11.14 -24.79
C ASP C 212 -18.77 -10.09 -24.28
N THR C 213 -18.60 -8.84 -24.71
CA THR C 213 -19.41 -7.73 -24.24
C THR C 213 -20.39 -7.21 -25.27
N GLN C 214 -20.44 -7.80 -26.47
CA GLN C 214 -21.32 -7.32 -27.54
C GLN C 214 -21.09 -5.82 -27.79
N SER C 215 -19.81 -5.48 -27.94
CA SER C 215 -19.42 -4.10 -28.12
C SER C 215 -18.71 -3.93 -29.47
N PHE C 216 -18.80 -2.71 -30.01
CA PHE C 216 -17.82 -2.29 -31.00
C PHE C 216 -16.48 -2.15 -30.31
N VAL C 217 -15.43 -2.71 -30.89
CA VAL C 217 -14.12 -2.62 -30.27
C VAL C 217 -13.19 -1.91 -31.22
N VAL C 218 -12.57 -0.84 -30.72
CA VAL C 218 -11.63 -0.03 -31.48
C VAL C 218 -10.23 -0.46 -31.08
N MET C 219 -9.38 -0.74 -32.06
CA MET C 219 -8.04 -1.24 -31.81
C MET C 219 -7.03 -0.32 -32.49
N PRO C 220 -6.72 0.83 -31.88
CA PRO C 220 -5.70 1.72 -32.44
C PRO C 220 -4.30 1.25 -32.04
N ALA C 221 -3.42 1.07 -33.02
CA ALA C 221 -2.11 0.45 -32.75
C ALA C 221 -0.98 1.26 -33.36
N GLN C 222 0.13 1.36 -32.61
CA GLN C 222 1.41 1.70 -33.22
C GLN C 222 1.72 0.65 -34.27
N GLN C 223 2.25 1.08 -35.42
CA GLN C 223 2.66 0.13 -36.45
C GLN C 223 4.00 0.56 -37.03
N GLY C 224 5.00 -0.30 -36.89
CA GLY C 224 6.24 -0.17 -37.63
C GLY C 224 7.46 -0.18 -36.73
N GLU C 225 8.58 0.24 -37.32
CA GLU C 225 9.87 0.30 -36.62
C GLU C 225 10.03 1.73 -36.08
N HIS C 226 10.04 1.86 -34.76
CA HIS C 226 10.05 3.17 -34.12
C HIS C 226 11.46 3.76 -34.11
N ASP C 227 11.56 5.05 -34.44
CA ASP C 227 12.82 5.79 -34.35
C ASP C 227 12.96 6.33 -32.93
N VAL C 228 13.61 5.56 -32.06
CA VAL C 228 13.79 5.93 -30.66
C VAL C 228 15.07 6.74 -30.47
N TYR C 229 15.65 7.21 -31.56
CA TYR C 229 16.85 8.05 -31.49
C TYR C 229 16.63 9.36 -32.24
N ALA C 230 15.38 9.84 -32.30
CA ALA C 230 15.04 11.06 -33.02
C ALA C 230 15.08 12.31 -32.14
N ASP C 231 15.28 12.15 -30.84
CA ASP C 231 15.61 13.27 -29.95
C ASP C 231 17.10 13.39 -29.68
N GLU C 232 17.89 12.38 -30.03
CA GLU C 232 19.34 12.42 -29.92
C GLU C 232 19.95 12.90 -31.23
N ALA C 239 21.26 0.83 -31.03
CA ALA C 239 21.31 -0.39 -30.24
C ALA C 239 19.90 -0.89 -29.93
N VAL C 240 19.15 -0.06 -29.19
CA VAL C 240 17.79 -0.43 -28.79
C VAL C 240 16.89 -0.45 -30.01
N LYS C 241 16.06 -1.49 -30.13
CA LYS C 241 15.21 -1.71 -31.30
C LYS C 241 13.78 -2.04 -30.87
N ARG C 242 12.81 -1.38 -31.49
CA ARG C 242 11.39 -1.53 -31.13
C ARG C 242 10.53 -1.54 -32.39
N ILE C 243 9.82 -2.63 -32.62
CA ILE C 243 8.94 -2.80 -33.77
C ILE C 243 7.54 -3.18 -33.26
N SER C 244 6.52 -2.45 -33.73
CA SER C 244 5.14 -2.64 -33.33
C SER C 244 4.35 -3.39 -34.40
N TRP C 245 3.51 -4.33 -33.95
CA TRP C 245 2.75 -5.18 -34.88
C TRP C 245 1.77 -4.37 -35.72
N GLY C 246 1.16 -3.34 -35.16
CA GLY C 246 0.23 -2.54 -35.94
C GLY C 246 -1.09 -3.25 -36.11
N HIS C 247 -1.56 -3.30 -37.36
CA HIS C 247 -2.84 -3.95 -37.73
C HIS C 247 -4.04 -3.32 -37.00
N SER C 248 -4.06 -1.98 -36.91
CA SER C 248 -5.24 -1.31 -36.36
C SER C 248 -6.51 -1.77 -37.08
N MET C 249 -7.59 -1.85 -36.32
CA MET C 249 -8.84 -2.37 -36.87
C MET C 249 -10.01 -1.95 -35.99
N ILE C 250 -11.20 -2.08 -36.55
CA ILE C 250 -12.44 -1.76 -35.87
C ILE C 250 -13.34 -2.97 -35.99
N ILE C 251 -13.89 -3.43 -34.86
CA ILE C 251 -14.62 -4.69 -34.76
C ILE C 251 -16.04 -4.41 -34.30
N ASP C 252 -17.00 -5.14 -34.84
CA ASP C 252 -18.41 -4.94 -34.46
C ASP C 252 -18.81 -5.90 -33.35
N PRO C 253 -20.02 -5.77 -32.79
CA PRO C 253 -20.42 -6.59 -31.63
C PRO C 253 -20.59 -8.06 -31.95
N TRP C 254 -20.64 -8.42 -33.23
CA TRP C 254 -20.72 -9.81 -33.65
C TRP C 254 -19.33 -10.40 -33.84
N GLY C 255 -18.28 -9.58 -33.72
CA GLY C 255 -16.93 -10.04 -33.97
C GLY C 255 -16.44 -9.85 -35.39
N ARG C 256 -17.20 -9.17 -36.24
CA ARG C 256 -16.77 -8.88 -37.60
C ARG C 256 -15.82 -7.71 -37.62
N ILE C 257 -14.76 -7.83 -38.43
CA ILE C 257 -13.83 -6.74 -38.65
C ILE C 257 -14.49 -5.75 -39.61
N LEU C 258 -14.81 -4.56 -39.13
CA LEU C 258 -15.44 -3.55 -39.97
C LEU C 258 -14.42 -2.92 -40.90
N SER C 259 -13.22 -2.68 -40.41
CA SER C 259 -12.23 -1.91 -41.12
C SER C 259 -10.87 -2.27 -40.53
N ALA C 260 -9.84 -2.28 -41.37
CA ALA C 260 -8.52 -2.68 -40.91
C ALA C 260 -7.47 -1.89 -41.67
N ALA C 261 -6.28 -1.85 -41.08
CA ALA C 261 -5.20 -1.04 -41.62
C ALA C 261 -4.61 -1.67 -42.88
N ASP C 262 -4.10 -0.82 -43.76
CA ASP C 262 -3.32 -1.27 -44.91
C ASP C 262 -1.96 -1.73 -44.42
N LEU C 263 -1.65 -3.01 -44.63
CA LEU C 263 -0.42 -3.59 -44.09
C LEU C 263 0.80 -3.39 -44.97
N THR C 264 0.64 -2.82 -46.16
CA THR C 264 1.75 -2.73 -47.10
C THR C 264 2.47 -1.37 -47.06
N THR C 265 2.02 -0.45 -46.22
CA THR C 265 2.75 0.78 -45.96
C THR C 265 2.89 1.00 -44.46
N HIS C 266 3.98 1.65 -44.07
CA HIS C 266 4.17 2.07 -42.69
C HIS C 266 3.95 3.56 -42.51
N ASP C 267 3.44 4.25 -43.53
CA ASP C 267 3.04 5.64 -43.37
C ASP C 267 1.80 5.75 -42.49
N PRO C 268 1.67 6.83 -41.73
CA PRO C 268 0.46 7.03 -40.93
C PRO C 268 -0.78 6.97 -41.81
N GLN C 269 -1.86 6.42 -41.25
CA GLN C 269 -3.05 6.23 -42.05
C GLN C 269 -4.28 6.37 -41.16
N LEU C 270 -5.39 6.73 -41.81
CA LEU C 270 -6.69 6.86 -41.18
C LEU C 270 -7.54 5.64 -41.54
N ILE C 271 -7.94 4.87 -40.52
CA ILE C 271 -8.85 3.74 -40.66
C ILE C 271 -10.21 4.21 -40.19
N ILE C 272 -11.25 3.94 -40.98
CA ILE C 272 -12.56 4.55 -40.77
C ILE C 272 -13.64 3.48 -40.77
N ALA C 273 -14.65 3.64 -39.92
CA ALA C 273 -15.82 2.78 -39.95
C ALA C 273 -17.03 3.57 -39.47
N ASP C 274 -18.21 3.17 -39.94
CA ASP C 274 -19.47 3.73 -39.48
C ASP C 274 -20.17 2.68 -38.63
N LEU C 275 -20.42 3.00 -37.37
CA LEU C 275 -20.92 2.02 -36.42
C LEU C 275 -22.44 1.91 -36.56
N ASP C 276 -22.91 0.69 -36.76
CA ASP C 276 -24.36 0.46 -36.90
C ASP C 276 -24.94 0.18 -35.51
N ILE C 277 -25.30 1.25 -34.80
CA ILE C 277 -25.83 1.13 -33.44
C ILE C 277 -27.09 0.27 -33.40
N GLU C 278 -27.91 0.32 -34.45
CA GLU C 278 -29.17 -0.42 -34.46
C GLU C 278 -28.92 -1.93 -34.57
N ALA C 279 -27.92 -2.33 -35.35
CA ALA C 279 -27.54 -3.73 -35.39
C ALA C 279 -27.05 -4.18 -34.02
N GLN C 280 -26.36 -3.30 -33.29
CA GLN C 280 -25.91 -3.65 -31.94
C GLN C 280 -27.09 -3.86 -30.99
N ASP C 281 -28.11 -3.00 -31.08
CA ASP C 281 -29.29 -3.17 -30.26
C ASP C 281 -29.94 -4.51 -30.50
N LYS C 282 -30.02 -4.93 -31.77
CA LYS C 282 -30.62 -6.23 -32.06
C LYS C 282 -29.77 -7.35 -31.46
N ILE C 283 -28.45 -7.27 -31.63
CA ILE C 283 -27.57 -8.30 -31.09
C ILE C 283 -27.74 -8.42 -29.58
N ARG C 284 -27.72 -7.28 -28.88
CA ARG C 284 -27.81 -7.28 -27.42
C ARG C 284 -29.19 -7.72 -26.92
N ARG C 285 -30.26 -7.42 -27.67
CA ARG C 285 -31.60 -7.90 -27.31
C ARG C 285 -31.73 -9.39 -27.55
N ASP C 286 -31.18 -9.88 -28.66
CA ASP C 286 -31.46 -11.24 -29.08
C ASP C 286 -30.69 -12.27 -28.25
N MET C 287 -29.54 -11.90 -27.69
CA MET C 287 -28.74 -12.80 -26.85
C MET C 287 -28.38 -12.03 -25.59
N PRO C 288 -29.32 -11.93 -24.64
CA PRO C 288 -29.13 -10.98 -23.51
C PRO C 288 -28.19 -11.50 -22.43
N LEU C 289 -26.87 -11.48 -22.74
CA LEU C 289 -25.89 -12.09 -21.84
C LEU C 289 -25.91 -11.44 -20.46
N TRP C 290 -26.26 -10.17 -20.36
CA TRP C 290 -26.15 -9.56 -19.04
C TRP C 290 -27.33 -9.90 -18.14
N ALA C 291 -28.40 -10.48 -18.69
CA ALA C 291 -29.51 -11.00 -17.91
C ALA C 291 -29.39 -12.47 -17.60
N GLN C 292 -28.44 -13.16 -18.22
CA GLN C 292 -28.29 -14.58 -18.04
C GLN C 292 -27.14 -14.92 -17.10
N ARG C 293 -26.48 -13.91 -16.55
CA ARG C 293 -25.33 -14.14 -15.69
C ARG C 293 -25.78 -14.75 -14.37
N ARG C 294 -24.92 -15.59 -13.78
CA ARG C 294 -25.24 -16.29 -12.53
C ARG C 294 -24.67 -15.48 -11.37
N ARG C 295 -25.34 -14.37 -11.07
CA ARG C 295 -24.89 -13.47 -10.02
C ARG C 295 -25.08 -14.06 -8.64
N ASP C 296 -25.99 -15.04 -8.51
CA ASP C 296 -26.02 -15.87 -7.31
C ASP C 296 -24.73 -16.67 -7.11
N ILE C 297 -23.95 -16.91 -8.15
CA ILE C 297 -22.66 -17.60 -8.01
C ILE C 297 -21.49 -16.61 -8.03
N PHE C 298 -21.51 -15.62 -8.90
CA PHE C 298 -20.33 -14.78 -9.06
C PHE C 298 -20.45 -13.46 -8.33
N GLY C 299 -21.59 -13.18 -7.71
CA GLY C 299 -21.78 -11.86 -7.14
C GLY C 299 -22.16 -10.88 -8.24
N ASP C 300 -21.87 -9.59 -8.02
CA ASP C 300 -22.19 -8.56 -9.03
C ASP C 300 -21.06 -7.54 -9.20
N PHE C 301 -19.93 -8.02 -9.73
CA PHE C 301 -18.93 -7.14 -10.34
C PHE C 301 -18.30 -6.15 -9.36
N ASN D 2 6.07 44.30 -17.97
CA ASN D 2 7.15 45.09 -17.38
C ASN D 2 6.77 45.62 -16.00
N VAL D 3 5.50 46.03 -15.85
CA VAL D 3 4.99 46.61 -14.62
C VAL D 3 4.32 45.52 -13.79
N ALA D 4 4.47 45.60 -12.48
CA ALA D 4 3.90 44.60 -11.56
C ALA D 4 2.46 44.97 -11.22
N ARG D 5 1.61 44.90 -12.25
CA ARG D 5 0.23 45.33 -12.16
C ARG D 5 -0.67 44.22 -11.61
N ILE D 6 -1.41 44.52 -10.54
CA ILE D 6 -2.42 43.62 -10.03
C ILE D 6 -3.78 44.30 -10.07
N GLY D 7 -4.82 43.51 -9.81
CA GLY D 7 -6.17 44.03 -9.80
C GLY D 7 -7.06 43.23 -8.88
N ILE D 8 -8.12 43.87 -8.39
CA ILE D 8 -9.18 43.25 -7.62
C ILE D 8 -10.47 43.30 -8.42
N GLY D 9 -11.17 42.18 -8.50
CA GLY D 9 -12.51 42.19 -9.06
C GLY D 9 -13.57 42.27 -7.97
N GLN D 10 -14.04 43.49 -7.68
CA GLN D 10 -15.07 43.68 -6.67
C GLN D 10 -16.44 43.43 -7.27
N LEU D 11 -17.26 42.64 -6.58
CA LEU D 11 -18.57 42.27 -7.09
C LEU D 11 -19.48 41.98 -5.90
N CYS D 12 -20.71 41.57 -6.21
CA CYS D 12 -21.71 41.24 -5.18
C CYS D 12 -22.40 39.94 -5.56
N SER D 13 -21.80 38.82 -5.17
CA SER D 13 -22.29 37.50 -5.60
C SER D 13 -23.69 37.23 -5.09
N SER D 14 -24.53 36.72 -5.98
CA SER D 14 -25.87 36.27 -5.65
C SER D 14 -25.84 34.76 -5.36
N SER D 15 -27.01 34.17 -5.18
CA SER D 15 -27.14 32.73 -5.01
C SER D 15 -27.08 31.96 -6.34
N ASN D 16 -26.81 32.64 -7.45
CA ASN D 16 -26.85 32.05 -8.79
C ASN D 16 -25.42 31.94 -9.33
N LEU D 17 -24.86 30.73 -9.26
CA LEU D 17 -23.47 30.54 -9.66
C LEU D 17 -23.23 30.96 -11.11
N LYS D 18 -24.20 30.71 -12.00
CA LYS D 18 -23.98 31.00 -13.41
C LYS D 18 -23.98 32.52 -13.67
N GLN D 19 -24.83 33.27 -12.99
CA GLN D 19 -24.77 34.72 -13.13
C GLN D 19 -23.43 35.26 -12.64
N ASN D 20 -23.02 34.84 -11.43
CA ASN D 20 -21.73 35.23 -10.88
C ASN D 20 -20.59 34.98 -11.86
N LEU D 21 -20.59 33.81 -12.51
CA LEU D 21 -19.52 33.49 -13.44
C LEU D 21 -19.48 34.49 -14.60
N GLU D 22 -20.65 34.90 -15.09
CA GLU D 22 -20.71 35.91 -16.13
C GLU D 22 -20.03 37.21 -15.70
N VAL D 23 -20.22 37.57 -14.42
CA VAL D 23 -19.57 38.76 -13.88
C VAL D 23 -18.07 38.54 -13.80
N VAL D 24 -17.66 37.39 -13.25
CA VAL D 24 -16.23 37.10 -13.12
C VAL D 24 -15.54 37.17 -14.47
N LYS D 25 -16.18 36.61 -15.51
CA LYS D 25 -15.56 36.60 -16.84
C LYS D 25 -15.48 38.00 -17.42
N SER D 26 -16.55 38.78 -17.29
CA SER D 26 -16.51 40.17 -17.72
C SER D 26 -15.35 40.91 -17.05
N LEU D 27 -15.14 40.68 -15.75
CA LEU D 27 -14.07 41.36 -15.04
C LEU D 27 -12.70 40.89 -15.51
N ILE D 28 -12.55 39.57 -15.73
CA ILE D 28 -11.31 39.04 -16.27
C ILE D 28 -11.00 39.69 -17.62
N LYS D 29 -12.02 39.77 -18.48
CA LYS D 29 -11.83 40.42 -19.77
C LYS D 29 -11.36 41.85 -19.59
N LYS D 30 -11.98 42.58 -18.66
CA LYS D 30 -11.58 43.97 -18.43
C LYS D 30 -10.14 44.05 -17.92
N ALA D 31 -9.75 43.11 -17.06
CA ALA D 31 -8.40 43.16 -16.49
C ALA D 31 -7.35 42.93 -17.57
N LEU D 32 -7.60 42.00 -18.49
CA LEU D 32 -6.68 41.82 -19.62
C LEU D 32 -6.54 43.10 -20.43
N ASP D 33 -7.66 43.78 -20.73
CA ASP D 33 -7.59 45.05 -21.44
C ASP D 33 -6.72 46.06 -20.70
N GLN D 34 -6.62 45.94 -19.38
CA GLN D 34 -5.82 46.85 -18.57
C GLN D 34 -4.41 46.31 -18.32
N ASP D 35 -4.07 45.14 -18.87
CA ASP D 35 -2.76 44.52 -18.66
C ASP D 35 -2.53 44.15 -17.19
N VAL D 36 -3.59 43.81 -16.48
CA VAL D 36 -3.45 43.21 -15.15
C VAL D 36 -2.82 41.84 -15.27
N LYS D 37 -1.80 41.58 -14.47
CA LYS D 37 -1.09 40.30 -14.48
C LYS D 37 -1.71 39.29 -13.52
N VAL D 38 -2.14 39.72 -12.33
CA VAL D 38 -2.84 38.86 -11.38
C VAL D 38 -4.11 39.58 -10.90
N LEU D 39 -5.26 38.90 -11.04
CA LEU D 39 -6.56 39.45 -10.67
C LEU D 39 -7.10 38.71 -9.45
N PHE D 40 -7.51 39.46 -8.43
CA PHE D 40 -7.95 38.90 -7.16
C PHE D 40 -9.45 39.07 -6.99
N PHE D 41 -10.13 37.98 -6.67
CA PHE D 41 -11.56 37.98 -6.41
C PHE D 41 -11.86 37.74 -4.93
N PRO D 42 -13.06 38.10 -4.46
CA PRO D 42 -13.35 38.04 -3.02
C PRO D 42 -13.67 36.63 -2.55
N GLU D 43 -13.79 36.51 -1.23
CA GLU D 43 -14.29 35.29 -0.61
C GLU D 43 -15.72 35.03 -1.06
N ALA D 44 -16.05 33.74 -1.27
CA ALA D 44 -17.39 33.32 -1.66
C ALA D 44 -17.83 33.96 -2.98
N THR D 45 -16.92 34.00 -3.95
CA THR D 45 -17.29 34.56 -5.25
C THR D 45 -18.29 33.69 -5.99
N ASP D 46 -18.23 32.37 -5.81
CA ASP D 46 -19.12 31.48 -6.54
C ASP D 46 -20.58 31.73 -6.15
N TYR D 47 -20.85 31.93 -4.86
CA TYR D 47 -22.21 32.21 -4.40
C TYR D 47 -22.18 32.67 -2.95
N LEU D 48 -23.28 33.31 -2.55
CA LEU D 48 -23.62 33.54 -1.15
C LEU D 48 -24.91 32.80 -0.83
N SER D 49 -25.00 32.31 0.40
CA SER D 49 -26.05 31.39 0.82
C SER D 49 -27.05 32.09 1.74
N ARG D 50 -28.25 31.52 1.82
CA ARG D 50 -29.24 31.98 2.79
C ARG D 50 -29.03 31.37 4.16
N ASN D 51 -28.44 30.18 4.24
CA ASN D 51 -28.22 29.46 5.49
C ASN D 51 -27.35 28.26 5.19
N ALA D 52 -26.88 27.60 6.26
CA ALA D 52 -25.94 26.50 6.13
C ALA D 52 -26.45 25.42 5.17
N GLU D 53 -27.70 25.00 5.33
CA GLU D 53 -28.23 23.94 4.48
C GLU D 53 -28.25 24.39 3.02
N HIS D 54 -28.66 25.63 2.76
CA HIS D 54 -28.65 26.17 1.40
C HIS D 54 -27.24 26.19 0.83
N SER D 55 -26.26 26.54 1.65
CA SER D 55 -24.86 26.49 1.22
C SER D 55 -24.51 25.10 0.72
N LYS D 56 -24.92 24.07 1.47
CA LYS D 56 -24.61 22.70 1.10
C LYS D 56 -25.12 22.37 -0.30
N LYS D 57 -26.35 22.76 -0.62
CA LYS D 57 -26.89 22.49 -1.95
C LYS D 57 -26.07 23.21 -3.03
N LEU D 58 -25.74 24.48 -2.79
CA LEU D 58 -25.04 25.26 -3.81
C LEU D 58 -23.61 24.76 -4.02
N ALA D 59 -22.94 24.30 -2.96
CA ALA D 59 -21.54 23.91 -3.08
C ALA D 59 -21.36 22.72 -4.02
N SER D 60 -22.41 21.90 -4.18
CA SER D 60 -22.35 20.82 -5.15
C SER D 60 -22.25 21.37 -6.57
N GLN D 61 -22.76 22.57 -6.82
CA GLN D 61 -22.65 23.16 -8.14
C GLN D 61 -21.29 23.79 -8.40
N THR D 62 -20.47 23.98 -7.37
CA THR D 62 -19.21 24.69 -7.59
C THR D 62 -18.25 23.95 -8.52
N PRO D 63 -18.06 22.63 -8.44
CA PRO D 63 -17.06 21.99 -9.34
C PRO D 63 -17.29 22.30 -10.82
N GLU D 64 -18.54 22.29 -11.28
CA GLU D 64 -18.80 22.69 -12.66
C GLU D 64 -18.47 24.16 -12.89
N PHE D 65 -18.71 25.00 -11.86
CA PHE D 65 -18.36 26.41 -11.94
C PHE D 65 -16.86 26.57 -12.17
N ILE D 66 -16.06 25.81 -11.42
CA ILE D 66 -14.60 25.93 -11.51
C ILE D 66 -14.11 25.51 -12.88
N SER D 67 -14.59 24.37 -13.38
CA SER D 67 -14.10 23.86 -14.66
C SER D 67 -14.53 24.78 -15.80
N GLU D 68 -15.70 25.41 -15.69
CA GLU D 68 -16.07 26.41 -16.67
C GLU D 68 -15.19 27.65 -16.55
N LEU D 69 -14.80 28.02 -15.33
CA LEU D 69 -13.91 29.17 -15.19
C LEU D 69 -12.51 28.84 -15.69
N GLN D 70 -12.02 27.63 -15.39
CA GLN D 70 -10.77 27.17 -15.97
C GLN D 70 -10.78 27.30 -17.49
N SER D 71 -11.88 26.87 -18.11
CA SER D 71 -12.00 26.97 -19.56
C SER D 71 -12.06 28.42 -20.01
N ALA D 72 -12.88 29.24 -19.34
CA ALA D 72 -12.99 30.65 -19.72
C ALA D 72 -11.65 31.37 -19.62
N ILE D 73 -10.85 31.03 -18.62
CA ILE D 73 -9.54 31.66 -18.47
C ILE D 73 -8.69 31.39 -19.71
N CYS D 74 -8.71 30.15 -20.21
CA CYS D 74 -7.91 29.81 -21.39
C CYS D 74 -8.41 30.52 -22.64
N GLN D 75 -9.72 30.62 -22.80
CA GLN D 75 -10.28 31.25 -24.00
C GLN D 75 -10.07 32.76 -24.00
N LEU D 76 -9.96 33.38 -22.81
CA LEU D 76 -9.73 34.82 -22.77
C LEU D 76 -8.25 35.17 -22.89
N THR D 77 -7.37 34.34 -22.33
CA THR D 77 -5.94 34.58 -22.53
C THR D 77 -5.55 34.43 -23.99
N LYS D 78 -6.05 33.40 -24.67
CA LYS D 78 -5.77 33.24 -26.10
C LYS D 78 -6.34 34.41 -26.90
N ALA D 79 -7.59 34.82 -26.60
CA ALA D 79 -8.26 35.83 -27.40
C ALA D 79 -7.61 37.19 -27.26
N ALA D 80 -7.15 37.53 -26.05
CA ALA D 80 -6.43 38.77 -25.83
C ALA D 80 -4.95 38.66 -26.14
N GLY D 81 -4.40 37.44 -26.18
CA GLY D 81 -2.98 37.24 -26.44
C GLY D 81 -2.06 37.57 -25.28
N LYS D 82 -2.60 37.67 -24.06
CA LYS D 82 -1.83 38.00 -22.87
C LYS D 82 -2.18 37.05 -21.74
N PRO D 83 -1.20 36.72 -20.90
CA PRO D 83 -1.50 35.91 -19.71
C PRO D 83 -2.13 36.76 -18.60
N ILE D 84 -2.76 36.06 -17.67
CA ILE D 84 -3.25 36.63 -16.42
C ILE D 84 -3.55 35.48 -15.48
N ASP D 85 -3.22 35.67 -14.21
CA ASP D 85 -3.56 34.68 -13.20
C ASP D 85 -4.74 35.16 -12.37
N ILE D 86 -5.48 34.21 -11.80
CA ILE D 86 -6.71 34.47 -11.05
C ILE D 86 -6.58 33.89 -9.66
N SER D 87 -6.92 34.69 -8.66
CA SER D 87 -7.08 34.26 -7.28
C SER D 87 -8.53 34.44 -6.90
N ILE D 88 -9.23 33.34 -6.58
CA ILE D 88 -10.68 33.39 -6.39
C ILE D 88 -11.09 32.49 -5.24
N GLY D 89 -11.99 33.01 -4.40
CA GLY D 89 -12.51 32.28 -3.26
C GLY D 89 -13.85 31.64 -3.60
N ILE D 90 -14.00 30.37 -3.24
CA ILE D 90 -15.18 29.58 -3.57
C ILE D 90 -15.53 28.66 -2.40
N HIS D 91 -16.65 27.95 -2.54
CA HIS D 91 -17.04 26.90 -1.61
C HIS D 91 -16.78 25.54 -2.26
N MET D 92 -16.16 24.62 -1.53
CA MET D 92 -15.99 23.26 -2.04
C MET D 92 -16.89 22.30 -1.29
N PRO D 93 -17.61 21.43 -1.98
CA PRO D 93 -18.37 20.38 -1.29
C PRO D 93 -17.43 19.37 -0.66
N PRO D 94 -17.89 18.64 0.36
CA PRO D 94 -17.04 17.61 0.96
C PRO D 94 -16.69 16.53 -0.07
N SER D 95 -15.44 16.05 0.02
CA SER D 95 -14.91 14.98 -0.81
C SER D 95 -15.55 13.64 -0.44
N GLU D 96 -15.32 12.65 -1.30
CA GLU D 96 -15.66 11.27 -0.93
C GLU D 96 -14.84 10.80 0.26
N VAL D 97 -13.56 11.18 0.28
CA VAL D 97 -12.72 10.92 1.44
C VAL D 97 -13.29 11.60 2.70
N ASN D 98 -13.89 12.79 2.56
CA ASN D 98 -14.47 13.47 3.72
C ASN D 98 -15.70 12.75 4.22
N THR D 99 -16.66 12.45 3.32
CA THR D 99 -17.85 11.71 3.69
C THR D 99 -17.47 10.36 4.29
N LYS D 100 -16.38 9.75 3.79
CA LYS D 100 -15.95 8.46 4.32
C LYS D 100 -15.42 8.61 5.75
N ASN D 101 -14.74 9.71 6.03
CA ASN D 101 -14.28 10.04 7.37
C ASN D 101 -15.37 10.70 8.23
N GLY D 102 -16.65 10.55 7.87
CA GLY D 102 -17.75 11.10 8.64
C GLY D 102 -17.76 12.61 8.79
N ASP D 103 -17.25 13.36 7.79
CA ASP D 103 -17.17 14.82 7.82
C ASP D 103 -17.88 15.38 6.59
N SER D 104 -19.08 15.92 6.77
CA SER D 104 -19.95 16.32 5.67
C SER D 104 -19.89 17.82 5.33
N ARG D 105 -19.00 18.59 5.95
CA ARG D 105 -19.06 20.06 5.86
C ARG D 105 -18.47 20.57 4.54
N VAL D 106 -18.90 21.78 4.14
CA VAL D 106 -18.31 22.37 2.93
C VAL D 106 -17.00 23.03 3.32
N LYS D 107 -16.25 23.49 2.32
CA LYS D 107 -14.91 24.01 2.52
C LYS D 107 -14.77 25.38 1.88
N ASN D 108 -14.28 26.34 2.66
CA ASN D 108 -14.00 27.70 2.20
C ASN D 108 -12.57 27.68 1.67
N VAL D 109 -12.43 27.76 0.34
CA VAL D 109 -11.17 27.45 -0.32
C VAL D 109 -10.84 28.52 -1.36
N LEU D 110 -9.62 29.06 -1.27
CA LEU D 110 -9.11 30.07 -2.20
C LEU D 110 -8.28 29.39 -3.29
N LEU D 111 -8.72 29.53 -4.54
CA LEU D 111 -8.02 28.95 -5.68
C LEU D 111 -7.08 29.96 -6.31
N TYR D 112 -5.91 29.48 -6.72
CA TYR D 112 -5.02 30.22 -7.60
C TYR D 112 -4.90 29.47 -8.92
N ILE D 113 -5.27 30.13 -10.01
CA ILE D 113 -5.36 29.51 -11.33
C ILE D 113 -4.52 30.33 -12.30
N ASN D 114 -3.73 29.65 -13.14
CA ASN D 114 -2.84 30.37 -14.04
C ASN D 114 -3.48 30.53 -15.41
N SER D 115 -2.70 31.07 -16.36
CA SER D 115 -3.22 31.49 -17.66
C SER D 115 -3.75 30.33 -18.49
N ASN D 116 -3.34 29.10 -18.20
CA ASN D 116 -3.88 27.92 -18.88
C ASN D 116 -4.84 27.15 -18.01
N GLY D 117 -5.52 27.85 -17.09
CA GLY D 117 -6.60 27.25 -16.34
C GLY D 117 -6.20 26.12 -15.43
N GLU D 118 -4.94 26.07 -15.00
CA GLU D 118 -4.47 25.05 -14.07
C GLU D 118 -4.45 25.61 -12.66
N ILE D 119 -5.00 24.83 -11.73
CA ILE D 119 -5.09 25.23 -10.33
C ILE D 119 -3.75 24.93 -9.66
N LEU D 120 -3.02 25.98 -9.29
CA LEU D 120 -1.74 25.79 -8.62
C LEU D 120 -1.86 25.78 -7.10
N GLN D 121 -2.98 26.21 -6.54
CA GLN D 121 -3.18 26.11 -5.10
C GLN D 121 -4.66 26.04 -4.78
N LYS D 122 -4.96 25.31 -3.71
CA LYS D 122 -6.27 25.30 -3.08
C LYS D 122 -6.03 25.46 -1.59
N TYR D 123 -6.16 26.67 -1.08
CA TYR D 123 -5.99 26.93 0.34
C TYR D 123 -7.35 26.92 1.01
N GLN D 124 -7.47 26.16 2.08
CA GLN D 124 -8.70 26.05 2.85
C GLN D 124 -8.58 26.91 4.09
N LYS D 125 -9.55 27.78 4.30
CA LYS D 125 -9.46 28.76 5.39
C LYS D 125 -9.21 28.08 6.73
N LEU D 126 -8.23 28.60 7.47
CA LEU D 126 -7.83 28.05 8.76
C LEU D 126 -8.74 28.49 9.91
N HIS D 127 -9.12 29.76 9.96
CA HIS D 127 -9.76 30.33 11.13
C HIS D 127 -11.25 30.54 10.90
N LEU D 128 -12.07 30.01 11.81
CA LEU D 128 -13.53 30.08 11.71
C LEU D 128 -14.08 30.81 12.91
N PHE D 129 -15.28 31.37 12.74
CA PHE D 129 -15.96 32.11 13.80
C PHE D 129 -16.91 31.16 14.54
N ASP D 130 -16.53 30.75 15.75
CA ASP D 130 -17.37 29.94 16.65
C ASP D 130 -17.54 30.69 17.96
N VAL D 131 -18.79 30.97 18.32
CA VAL D 131 -19.11 31.76 19.51
C VAL D 131 -20.32 31.14 20.22
N ASP D 132 -20.27 31.11 21.55
CA ASP D 132 -21.33 30.53 22.36
C ASP D 132 -21.92 31.62 23.26
N VAL D 133 -22.82 32.43 22.71
CA VAL D 133 -23.59 33.38 23.52
C VAL D 133 -24.98 32.81 23.83
N PRO D 137 -25.90 36.39 20.62
CA PRO D 137 -25.19 36.07 19.38
C PRO D 137 -24.62 34.65 19.34
N ILE D 138 -25.38 33.69 18.82
CA ILE D 138 -24.95 32.30 18.73
C ILE D 138 -24.65 31.97 17.28
N LEU D 139 -23.46 31.37 17.05
CA LEU D 139 -23.03 30.96 15.73
C LEU D 139 -21.83 30.03 15.87
N LYS D 140 -21.87 28.89 15.18
CA LYS D 140 -20.73 27.97 15.13
C LYS D 140 -20.47 27.64 13.67
N GLU D 141 -19.54 28.38 13.05
CA GLU D 141 -19.24 28.17 11.65
C GLU D 141 -18.69 26.77 11.39
N SER D 142 -17.85 26.27 12.31
CA SER D 142 -17.31 24.93 12.19
C SER D 142 -18.37 23.84 12.18
N ASN D 143 -19.62 24.16 12.55
CA ASN D 143 -20.69 23.18 12.40
C ASN D 143 -20.97 22.88 10.94
N SER D 144 -20.76 23.85 10.06
CA SER D 144 -21.09 23.71 8.65
C SER D 144 -19.88 23.77 7.73
N VAL D 145 -18.74 24.26 8.21
CA VAL D 145 -17.57 24.51 7.37
C VAL D 145 -16.36 23.83 8.01
N GLN D 146 -15.57 23.14 7.20
CA GLN D 146 -14.44 22.38 7.70
C GLN D 146 -13.20 23.27 7.72
N PRO D 147 -12.56 23.47 8.87
CA PRO D 147 -11.32 24.26 8.90
C PRO D 147 -10.23 23.58 8.08
N GLY D 148 -9.35 24.40 7.50
CA GLY D 148 -8.23 23.86 6.74
C GLY D 148 -7.19 23.25 7.66
N SER D 149 -6.22 22.58 7.06
CA SER D 149 -5.23 21.89 7.88
C SER D 149 -3.80 22.37 7.63
N GLU D 150 -3.60 23.41 6.83
CA GLU D 150 -2.26 23.80 6.40
C GLU D 150 -2.10 25.32 6.35
N ILE D 151 -0.93 25.79 6.80
CA ILE D 151 -0.42 27.08 6.37
C ILE D 151 -0.04 26.94 4.90
N PRO D 152 -0.60 27.72 3.99
CA PRO D 152 -0.34 27.49 2.57
C PRO D 152 1.10 27.85 2.22
N SER D 153 1.54 27.34 1.08
CA SER D 153 2.87 27.64 0.58
C SER D 153 2.85 28.94 -0.22
N ILE D 154 4.01 29.60 -0.27
CA ILE D 154 4.17 30.82 -1.04
C ILE D 154 4.08 30.50 -2.52
N ILE D 155 3.27 31.27 -3.24
CA ILE D 155 3.15 31.17 -4.69
C ILE D 155 4.05 32.21 -5.32
N ASN D 156 4.81 31.80 -6.33
CA ASN D 156 5.69 32.68 -7.07
C ASN D 156 4.90 33.19 -8.25
N THR D 157 4.18 34.30 -8.04
CA THR D 157 3.32 34.86 -9.08
C THR D 157 4.13 35.75 -10.01
N PRO D 158 3.55 36.09 -11.20
CA PRO D 158 4.20 37.06 -12.09
C PRO D 158 4.62 38.37 -11.43
N VAL D 159 4.01 38.77 -10.31
CA VAL D 159 4.34 40.04 -9.70
C VAL D 159 5.07 39.90 -8.37
N GLY D 160 5.34 38.67 -7.92
CA GLY D 160 6.04 38.47 -6.67
C GLY D 160 5.49 37.30 -5.86
N LYS D 161 6.07 37.10 -4.67
CA LYS D 161 5.75 35.97 -3.80
C LYS D 161 4.50 36.25 -2.97
N LEU D 162 3.48 35.41 -3.12
CA LEU D 162 2.16 35.63 -2.52
C LEU D 162 1.87 34.59 -1.44
N GLY D 163 1.48 35.07 -0.28
CA GLY D 163 0.89 34.23 0.75
C GLY D 163 -0.60 34.50 0.85
N SER D 164 -1.40 33.47 0.61
CA SER D 164 -2.85 33.60 0.42
C SER D 164 -3.60 33.21 1.70
N CYS D 165 -4.45 34.12 2.18
CA CYS D 165 -5.34 33.91 3.32
C CYS D 165 -6.79 34.14 2.90
N ILE D 166 -7.72 33.94 3.84
CA ILE D 166 -9.14 34.19 3.57
C ILE D 166 -9.73 34.94 4.77
N CYS D 167 -10.24 36.14 4.50
CA CYS D 167 -11.14 36.88 5.38
C CYS D 167 -10.81 36.76 6.86
N TYR D 168 -11.56 35.93 7.59
CA TYR D 168 -11.41 35.88 9.05
C TYR D 168 -9.97 35.59 9.48
N ASP D 169 -9.19 34.90 8.63
CA ASP D 169 -7.75 34.75 8.87
C ASP D 169 -7.08 36.06 9.23
N ILE D 170 -7.56 37.19 8.67
CA ILE D 170 -6.89 38.47 8.83
C ILE D 170 -6.79 38.87 10.30
N ARG D 171 -7.68 38.35 11.14
CA ARG D 171 -7.69 38.80 12.52
C ARG D 171 -6.64 38.10 13.38
N PHE D 172 -5.87 37.18 12.82
CA PHE D 172 -4.91 36.37 13.59
C PHE D 172 -3.51 36.64 13.08
N PRO D 173 -2.75 37.51 13.74
CA PRO D 173 -1.50 38.01 13.14
C PRO D 173 -0.45 36.93 12.91
N GLU D 174 -0.36 35.92 13.78
CA GLU D 174 0.64 34.86 13.62
C GLU D 174 0.63 34.28 12.22
N LEU D 175 -0.55 34.13 11.61
CA LEU D 175 -0.64 33.54 10.28
C LEU D 175 0.04 34.43 9.23
N SER D 176 -0.19 35.75 9.30
CA SER D 176 0.47 36.69 8.39
C SER D 176 1.97 36.76 8.69
N LEU D 177 2.34 36.74 9.98
CA LEU D 177 3.74 36.71 10.33
C LEU D 177 4.43 35.49 9.72
N LYS D 178 3.77 34.33 9.78
CA LYS D 178 4.41 33.09 9.31
C LYS D 178 4.52 33.08 7.80
N LEU D 179 3.60 33.74 7.08
CA LEU D 179 3.71 33.79 5.63
C LEU D 179 4.87 34.68 5.19
N ARG D 180 5.16 35.75 5.94
CA ARG D 180 6.35 36.54 5.65
C ARG D 180 7.62 35.73 5.89
N SER D 181 7.66 34.98 6.99
CA SER D 181 8.79 34.11 7.29
C SER D 181 9.07 33.15 6.14
N LYS D 182 8.02 32.71 5.46
CA LYS D 182 8.18 31.83 4.31
C LYS D 182 8.48 32.59 3.02
N GLY D 183 8.69 33.91 3.10
CA GLY D 183 9.15 34.68 1.96
C GLY D 183 8.11 35.52 1.23
N ALA D 184 6.90 35.67 1.76
CA ALA D 184 5.85 36.39 1.04
C ALA D 184 6.21 37.86 0.88
N GLN D 185 5.96 38.37 -0.33
CA GLN D 185 5.99 39.80 -0.63
C GLN D 185 4.61 40.43 -0.64
N ILE D 186 3.57 39.63 -0.86
CA ILE D 186 2.20 40.08 -1.06
C ILE D 186 1.28 39.16 -0.27
N LEU D 187 0.38 39.73 0.51
CA LEU D 187 -0.66 38.96 1.18
C LEU D 187 -2.00 39.33 0.57
N CYS D 188 -2.88 38.35 0.43
CA CYS D 188 -4.25 38.67 0.06
C CYS D 188 -5.21 38.18 1.14
N PHE D 189 -6.32 38.89 1.27
CA PHE D 189 -7.38 38.56 2.23
C PHE D 189 -8.73 38.71 1.56
N PRO D 190 -9.06 37.83 0.60
CA PRO D 190 -10.41 37.86 0.00
C PRO D 190 -11.50 37.70 1.06
N SER D 191 -12.54 38.54 0.96
CA SER D 191 -13.37 38.75 2.15
C SER D 191 -14.82 39.08 1.82
N ALA D 192 -15.66 38.90 2.84
CA ALA D 192 -17.00 39.46 2.90
C ALA D 192 -17.19 39.89 4.34
N PHE D 193 -17.26 41.20 4.58
CA PHE D 193 -17.43 41.73 5.94
C PHE D 193 -18.83 42.31 6.08
N THR D 194 -19.40 42.17 7.27
CA THR D 194 -20.63 42.88 7.54
C THR D 194 -20.38 44.38 7.56
N MET D 195 -21.47 45.15 7.39
CA MET D 195 -21.34 46.60 7.36
C MET D 195 -20.63 47.11 8.61
N LYS D 196 -21.02 46.60 9.76
CA LYS D 196 -20.56 47.18 11.02
C LYS D 196 -19.11 46.82 11.32
N THR D 197 -18.73 45.55 11.13
CA THR D 197 -17.35 45.18 11.38
C THR D 197 -16.45 45.68 10.25
N GLY D 198 -16.98 45.76 9.03
CA GLY D 198 -16.21 46.34 7.94
C GLY D 198 -15.88 47.80 8.19
N GLU D 199 -16.89 48.60 8.53
CA GLU D 199 -16.59 49.99 8.84
C GLU D 199 -15.60 50.11 9.99
N ALA D 200 -15.76 49.27 11.02
CA ALA D 200 -14.90 49.42 12.20
C ALA D 200 -13.45 49.02 11.92
N HIS D 201 -13.25 47.90 11.21
CA HIS D 201 -11.95 47.20 11.20
C HIS D 201 -11.39 46.81 9.85
N TRP D 202 -12.14 46.88 8.75
CA TRP D 202 -11.61 46.48 7.45
C TRP D 202 -10.29 47.18 7.13
N GLU D 203 -10.30 48.52 7.08
CA GLU D 203 -9.09 49.21 6.67
C GLU D 203 -7.98 49.06 7.70
N LEU D 204 -8.32 49.15 8.99
CA LEU D 204 -7.32 49.00 10.04
C LEU D 204 -6.61 47.66 9.91
N LEU D 205 -7.38 46.57 9.76
CA LEU D 205 -6.80 45.24 9.71
C LEU D 205 -5.87 45.09 8.52
N GLY D 206 -6.34 45.50 7.34
CA GLY D 206 -5.49 45.47 6.15
C GLY D 206 -4.20 46.26 6.35
N ARG D 207 -4.32 47.52 6.80
CA ARG D 207 -3.12 48.33 6.97
C ARG D 207 -2.20 47.75 8.05
N ALA D 208 -2.78 47.11 9.07
CA ALA D 208 -1.98 46.54 10.15
C ALA D 208 -1.13 45.37 9.67
N ARG D 209 -1.73 44.44 8.93
CA ARG D 209 -0.98 43.30 8.42
C ARG D 209 0.08 43.77 7.44
N ALA D 210 -0.20 44.85 6.69
CA ALA D 210 0.78 45.38 5.74
C ALA D 210 2.05 45.82 6.43
N ILE D 211 1.93 46.60 7.50
CA ILE D 211 3.15 47.08 8.14
C ILE D 211 3.71 46.04 9.09
N ASP D 212 2.86 45.17 9.65
CA ASP D 212 3.35 44.07 10.48
C ASP D 212 4.41 43.27 9.73
N THR D 213 4.15 43.04 8.43
CA THR D 213 4.96 42.14 7.61
C THR D 213 5.66 42.87 6.47
N GLN D 214 5.54 44.20 6.41
CA GLN D 214 6.13 45.02 5.33
C GLN D 214 5.79 44.42 3.97
N SER D 215 4.50 44.12 3.78
CA SER D 215 4.00 43.48 2.59
C SER D 215 2.97 44.38 1.89
N PHE D 216 2.88 44.25 0.57
CA PHE D 216 1.69 44.64 -0.15
C PHE D 216 0.52 43.77 0.29
N VAL D 217 -0.63 44.39 0.60
CA VAL D 217 -1.79 43.64 1.05
C VAL D 217 -2.94 43.89 0.09
N VAL D 218 -3.43 42.81 -0.53
CA VAL D 218 -4.57 42.85 -1.43
C VAL D 218 -5.83 42.57 -0.65
N MET D 219 -6.80 43.47 -0.73
CA MET D 219 -8.02 43.40 0.07
C MET D 219 -9.21 43.26 -0.89
N PRO D 220 -9.43 42.07 -1.44
CA PRO D 220 -10.59 41.88 -2.33
C PRO D 220 -11.85 41.63 -1.52
N ALA D 221 -12.93 42.35 -1.85
CA ALA D 221 -14.09 42.36 -0.97
C ALA D 221 -15.39 42.26 -1.76
N GLN D 222 -16.33 41.44 -1.24
CA GLN D 222 -17.72 41.58 -1.63
C GLN D 222 -18.24 42.93 -1.17
N GLN D 223 -19.02 43.58 -2.02
CA GLN D 223 -19.64 44.87 -1.69
C GLN D 223 -21.11 44.83 -2.04
N GLY D 224 -21.98 45.07 -1.07
CA GLY D 224 -23.36 45.44 -1.35
C GLY D 224 -24.35 44.44 -0.78
N GLU D 225 -25.61 44.58 -1.23
CA GLU D 225 -26.70 43.74 -0.78
C GLU D 225 -26.85 42.54 -1.72
N HIS D 226 -26.62 41.34 -1.19
CA HIS D 226 -26.57 40.14 -2.02
C HIS D 226 -27.95 39.57 -2.27
N ASP D 227 -28.18 39.11 -3.51
CA ASP D 227 -29.44 38.47 -3.88
C ASP D 227 -29.30 36.98 -3.60
N VAL D 228 -29.63 36.56 -2.38
CA VAL D 228 -29.49 35.15 -2.04
C VAL D 228 -30.79 34.41 -2.34
N TYR D 229 -31.68 35.06 -3.10
CA TYR D 229 -32.90 34.45 -3.60
C TYR D 229 -32.93 34.39 -5.13
N ALA D 230 -31.76 34.40 -5.77
CA ALA D 230 -31.67 34.50 -7.22
C ALA D 230 -31.61 33.15 -7.93
N ASP D 231 -31.33 32.07 -7.20
CA ASP D 231 -31.52 30.72 -7.73
C ASP D 231 -32.97 30.27 -7.66
N GLU D 232 -33.85 31.11 -7.12
CA GLU D 232 -35.29 30.89 -7.16
C GLU D 232 -35.90 31.62 -8.36
N ALA D 239 -36.82 35.92 4.32
CA ALA D 239 -36.35 37.23 3.90
C ALA D 239 -34.96 37.54 4.46
N VAL D 240 -34.05 36.55 4.35
CA VAL D 240 -32.69 36.70 4.89
C VAL D 240 -31.98 37.86 4.21
N LYS D 241 -31.34 38.70 5.01
CA LYS D 241 -30.60 39.87 4.52
C LYS D 241 -29.11 39.66 4.73
N ARG D 242 -28.32 40.00 3.71
CA ARG D 242 -26.87 39.91 3.79
C ARG D 242 -26.27 41.04 2.97
N ILE D 243 -25.59 41.96 3.65
CA ILE D 243 -24.98 43.13 3.02
C ILE D 243 -23.50 43.16 3.40
N SER D 244 -22.63 43.34 2.41
CA SER D 244 -21.19 43.35 2.62
C SER D 244 -20.60 44.75 2.51
N TRP D 245 -19.64 45.04 3.39
CA TRP D 245 -19.03 46.36 3.50
C TRP D 245 -18.33 46.79 2.19
N GLY D 246 -17.61 45.88 1.55
CA GLY D 246 -16.90 46.24 0.33
C GLY D 246 -15.61 46.97 0.62
N HIS D 247 -15.41 48.11 -0.04
CA HIS D 247 -14.20 48.93 0.11
C HIS D 247 -12.94 48.13 -0.19
N SER D 248 -12.95 47.42 -1.33
CA SER D 248 -11.76 46.73 -1.80
C SER D 248 -10.60 47.73 -1.89
N MET D 249 -9.40 47.28 -1.55
CA MET D 249 -8.26 48.18 -1.62
C MET D 249 -6.97 47.38 -1.72
N ILE D 250 -5.91 48.09 -2.07
CA ILE D 250 -4.56 47.56 -2.17
C ILE D 250 -3.65 48.47 -1.36
N ILE D 251 -2.89 47.90 -0.43
CA ILE D 251 -2.10 48.64 0.54
C ILE D 251 -0.63 48.31 0.30
N ASP D 252 0.26 49.28 0.53
CA ASP D 252 1.69 49.07 0.34
C ASP D 252 2.39 48.77 1.68
N PRO D 253 3.65 48.32 1.64
CA PRO D 253 4.32 47.85 2.87
C PRO D 253 4.50 48.91 3.95
N TRP D 254 4.27 50.18 3.64
CA TRP D 254 4.33 51.28 4.58
C TRP D 254 2.97 51.54 5.20
N GLY D 255 1.93 50.89 4.68
CA GLY D 255 0.57 51.11 5.14
C GLY D 255 -0.22 52.09 4.29
N ARG D 256 0.39 52.61 3.21
CA ARG D 256 -0.27 53.54 2.32
C ARG D 256 -1.32 52.81 1.50
N ILE D 257 -2.51 53.38 1.43
CA ILE D 257 -3.54 52.89 0.51
C ILE D 257 -3.17 53.34 -0.91
N LEU D 258 -2.85 52.38 -1.78
CA LEU D 258 -2.49 52.71 -3.15
C LEU D 258 -3.72 52.88 -4.04
N SER D 259 -4.78 52.13 -3.80
CA SER D 259 -5.96 52.16 -4.67
C SER D 259 -7.12 51.56 -3.89
N ALA D 260 -8.30 52.17 -4.02
CA ALA D 260 -9.48 51.72 -3.28
C ALA D 260 -10.71 51.88 -4.14
N ALA D 261 -11.73 51.05 -3.87
CA ALA D 261 -12.92 51.02 -4.70
C ALA D 261 -13.59 52.39 -4.75
N ASP D 262 -14.08 52.80 -5.92
CA ASP D 262 -15.01 53.92 -5.96
C ASP D 262 -16.25 53.51 -5.19
N LEU D 263 -16.44 54.10 -4.02
CA LEU D 263 -17.61 53.71 -3.27
C LEU D 263 -18.90 54.23 -3.89
N THR D 264 -18.85 55.28 -4.71
CA THR D 264 -20.09 55.84 -5.25
C THR D 264 -20.73 54.99 -6.36
N THR D 265 -20.23 53.79 -6.64
CA THR D 265 -20.86 52.86 -7.57
C THR D 265 -20.99 51.47 -6.93
N HIS D 266 -22.11 50.79 -7.20
CA HIS D 266 -22.31 49.43 -6.70
C HIS D 266 -22.28 48.39 -7.82
N ASP D 267 -21.91 48.78 -9.02
CA ASP D 267 -21.68 47.80 -10.06
C ASP D 267 -20.33 47.13 -9.83
N PRO D 268 -20.15 45.93 -10.39
CA PRO D 268 -18.84 45.28 -10.28
C PRO D 268 -17.77 46.17 -10.89
N GLN D 269 -16.58 46.13 -10.31
CA GLN D 269 -15.57 47.11 -10.66
C GLN D 269 -14.19 46.49 -10.51
N LEU D 270 -13.27 47.00 -11.30
CA LEU D 270 -11.87 46.61 -11.27
C LEU D 270 -11.09 47.67 -10.49
N ILE D 271 -10.35 47.23 -9.47
CA ILE D 271 -9.46 48.09 -8.70
C ILE D 271 -8.04 47.67 -9.03
N ILE D 272 -7.18 48.63 -9.40
CA ILE D 272 -5.85 48.29 -9.94
C ILE D 272 -4.77 49.13 -9.27
N ALA D 273 -3.59 48.54 -9.11
CA ALA D 273 -2.41 49.25 -8.65
C ALA D 273 -1.16 48.59 -9.22
N ASP D 274 -0.10 49.38 -9.36
CA ASP D 274 1.20 48.88 -9.76
C ASP D 274 2.11 48.83 -8.52
N LEU D 275 2.66 47.66 -8.24
CA LEU D 275 3.40 47.45 -7.01
C LEU D 275 4.85 47.87 -7.20
N ASP D 276 5.37 48.70 -6.28
CA ASP D 276 6.75 49.16 -6.39
C ASP D 276 7.63 48.23 -5.57
N ILE D 277 8.03 47.12 -6.19
CA ILE D 277 8.83 46.10 -5.50
C ILE D 277 10.13 46.69 -4.96
N GLU D 278 10.74 47.62 -5.70
CA GLU D 278 12.00 48.19 -5.24
C GLU D 278 11.81 49.05 -3.98
N ALA D 279 10.72 49.82 -3.93
CA ALA D 279 10.37 50.52 -2.69
C ALA D 279 10.17 49.53 -1.54
N GLN D 280 9.56 48.38 -1.82
CA GLN D 280 9.42 47.35 -0.77
C GLN D 280 10.78 46.85 -0.32
N ASP D 281 11.70 46.65 -1.25
CA ASP D 281 13.05 46.22 -0.88
C ASP D 281 13.70 47.23 0.06
N LYS D 282 13.55 48.53 -0.23
CA LYS D 282 14.15 49.56 0.61
C LYS D 282 13.48 49.61 1.98
N ILE D 283 12.16 49.49 2.05
CA ILE D 283 11.49 49.45 3.35
C ILE D 283 11.99 48.26 4.16
N ARG D 284 12.09 47.09 3.52
CA ARG D 284 12.47 45.89 4.25
C ARG D 284 13.94 45.95 4.67
N ARG D 285 14.79 46.66 3.94
CA ARG D 285 16.20 46.76 4.33
C ARG D 285 16.41 47.78 5.44
N ASP D 286 15.67 48.91 5.39
CA ASP D 286 15.85 49.96 6.39
C ASP D 286 15.27 49.59 7.75
N MET D 287 14.31 48.67 7.81
CA MET D 287 13.73 48.18 9.06
C MET D 287 13.63 46.67 8.97
N PRO D 288 14.73 45.96 9.22
CA PRO D 288 14.70 44.50 9.07
C PRO D 288 14.08 43.81 10.27
N LEU D 289 12.74 43.92 10.37
CA LEU D 289 12.03 43.37 11.51
C LEU D 289 12.29 41.87 11.66
N TRP D 290 12.54 41.16 10.56
CA TRP D 290 12.70 39.72 10.69
C TRP D 290 14.10 39.33 11.16
N ALA D 291 15.11 40.17 10.95
CA ALA D 291 16.40 39.98 11.59
C ALA D 291 16.39 40.37 13.07
N GLN D 292 15.37 41.11 13.52
CA GLN D 292 15.33 41.65 14.87
C GLN D 292 14.44 40.85 15.82
N ARG D 293 13.82 39.76 15.35
CA ARG D 293 12.90 39.01 16.19
C ARG D 293 13.65 38.23 17.27
N ARG D 294 12.99 38.05 18.42
CA ARG D 294 13.56 37.32 19.55
C ARG D 294 13.12 35.86 19.48
N ARG D 295 13.77 35.13 18.57
CA ARG D 295 13.49 33.70 18.45
C ARG D 295 13.97 32.92 19.66
N ASP D 296 14.91 33.48 20.43
CA ASP D 296 15.26 32.89 21.72
C ASP D 296 14.07 32.89 22.69
N ILE D 297 13.08 33.75 22.47
CA ILE D 297 11.94 33.88 23.38
C ILE D 297 10.68 33.25 22.78
N PHE D 298 10.41 33.49 21.50
CA PHE D 298 9.22 32.97 20.87
C PHE D 298 9.48 31.72 20.03
N GLY D 299 10.74 31.41 19.73
CA GLY D 299 11.05 30.23 18.94
C GLY D 299 11.03 30.50 17.45
N ASP D 300 10.53 29.53 16.67
CA ASP D 300 10.42 29.68 15.21
C ASP D 300 9.07 29.08 14.79
N PHE D 301 8.01 29.86 15.01
CA PHE D 301 6.83 29.79 14.17
C PHE D 301 6.09 28.45 14.20
#